data_3CQT
# 
_entry.id   3CQT 
# 
_audit_conform.dict_name       mmcif_pdbx.dic 
_audit_conform.dict_version    5.377 
_audit_conform.dict_location   http://mmcif.pdb.org/dictionaries/ascii/mmcif_pdbx.dic 
# 
loop_
_database_2.database_id 
_database_2.database_code 
_database_2.pdbx_database_accession 
_database_2.pdbx_DOI 
PDB   3CQT         pdb_00003cqt 10.2210/pdb3cqt/pdb 
RCSB  RCSB047101   ?            ?                   
WWPDB D_1000047101 ?            ?                   
# 
_pdbx_database_status.status_code                     REL 
_pdbx_database_status.entry_id                        3CQT 
_pdbx_database_status.recvd_initial_deposition_date   2008-04-03 
_pdbx_database_status.deposit_site                    RCSB 
_pdbx_database_status.process_site                    RCSB 
_pdbx_database_status.status_code_sf                  REL 
_pdbx_database_status.status_code_mr                  ? 
_pdbx_database_status.SG_entry                        ? 
_pdbx_database_status.pdb_format_compatible           Y 
_pdbx_database_status.status_code_cs                  ? 
_pdbx_database_status.status_code_nmr_data            ? 
_pdbx_database_status.methods_development_category    ? 
# 
loop_
_audit_author.name 
_audit_author.pdbx_ordinal 
'Neculai, A.M.'     1 
'Zarrine-Afsar, A.' 2 
'Howell, P.L.'      3 
'Davidson, A.'      4 
'Chan, H.S.'        5 
# 
_citation.id                        primary 
_citation.title                     
'Theoretical and experimental demonstration of the importance of specific nonnative interactions in protein folding.' 
_citation.journal_abbrev            Proc.Natl.Acad.Sci.Usa 
_citation.journal_volume            105 
_citation.page_first                9999 
_citation.page_last                 10004 
_citation.year                      2008 
_citation.journal_id_ASTM           PNASA6 
_citation.country                   US 
_citation.journal_id_ISSN           0027-8424 
_citation.journal_id_CSD            0040 
_citation.book_publisher            ? 
_citation.pdbx_database_id_PubMed   18626019 
_citation.pdbx_database_id_DOI      10.1073/pnas.0801874105 
# 
loop_
_citation_author.citation_id 
_citation_author.name 
_citation_author.ordinal 
_citation_author.identifier_ORCID 
primary 'Zarrine-Afsar, A.' 1 ? 
primary 'Wallin, S.'        2 ? 
primary 'Neculai, A.M.'     3 ? 
primary 'Neudecker, P.'     4 ? 
primary 'Howell, P.L.'      5 ? 
primary 'Davidson, A.R.'    6 ? 
primary 'Chan, H.S.'        7 ? 
# 
_cell.entry_id           3CQT 
_cell.length_a           52.032 
_cell.length_b           52.032 
_cell.length_c           44.817 
_cell.angle_alpha        90.00 
_cell.angle_beta         90.00 
_cell.angle_gamma        120.00 
_cell.Z_PDB              6 
_cell.pdbx_unique_axis   ? 
_cell.length_a_esd       ? 
_cell.length_b_esd       ? 
_cell.length_c_esd       ? 
_cell.angle_alpha_esd    ? 
_cell.angle_beta_esd     ? 
_cell.angle_gamma_esd    ? 
# 
_symmetry.entry_id                         3CQT 
_symmetry.space_group_name_H-M             'P 31 2 1' 
_symmetry.pdbx_full_space_group_name_H-M   ? 
_symmetry.cell_setting                     ? 
_symmetry.Int_Tables_number                152 
_symmetry.space_group_name_Hall            ? 
# 
loop_
_entity.id 
_entity.type 
_entity.src_method 
_entity.pdbx_description 
_entity.formula_weight 
_entity.pdbx_number_of_molecules 
_entity.pdbx_ec 
_entity.pdbx_mutation 
_entity.pdbx_fragment 
_entity.details 
1 polymer man 'Proto-oncogene tyrosine-protein kinase Fyn' 9337.112 1  2.7.10.2 'N53I, V55L' 'Fyn SH3 domain' ? 
2 water   nat water                                        18.015   89 ?        ?            ?                ? 
# 
_entity_name_com.entity_id   1 
_entity_name_com.name        p59-Fyn 
# 
_entity_poly.entity_id                      1 
_entity_poly.type                           'polypeptide(L)' 
_entity_poly.nstd_linkage                   no 
_entity_poly.nstd_monomer                   no 
_entity_poly.pdbx_seq_one_letter_code       MVQISTLFEALYDYEARTEDDLSFHKGEKFQILNSSEGDWWEARSLTTGETGYIPSIYLAPVDRLDYKDDDDKHHHHHH 
_entity_poly.pdbx_seq_one_letter_code_can   MVQISTLFEALYDYEARTEDDLSFHKGEKFQILNSSEGDWWEARSLTTGETGYIPSIYLAPVDRLDYKDDDDKHHHHHH 
_entity_poly.pdbx_strand_id                 A 
_entity_poly.pdbx_target_identifier         ? 
# 
loop_
_entity_poly_seq.entity_id 
_entity_poly_seq.num 
_entity_poly_seq.mon_id 
_entity_poly_seq.hetero 
1 1  MET n 
1 2  VAL n 
1 3  GLN n 
1 4  ILE n 
1 5  SER n 
1 6  THR n 
1 7  LEU n 
1 8  PHE n 
1 9  GLU n 
1 10 ALA n 
1 11 LEU n 
1 12 TYR n 
1 13 ASP n 
1 14 TYR n 
1 15 GLU n 
1 16 ALA n 
1 17 ARG n 
1 18 THR n 
1 19 GLU n 
1 20 ASP n 
1 21 ASP n 
1 22 LEU n 
1 23 SER n 
1 24 PHE n 
1 25 HIS n 
1 26 LYS n 
1 27 GLY n 
1 28 GLU n 
1 29 LYS n 
1 30 PHE n 
1 31 GLN n 
1 32 ILE n 
1 33 LEU n 
1 34 ASN n 
1 35 SER n 
1 36 SER n 
1 37 GLU n 
1 38 GLY n 
1 39 ASP n 
1 40 TRP n 
1 41 TRP n 
1 42 GLU n 
1 43 ALA n 
1 44 ARG n 
1 45 SER n 
1 46 LEU n 
1 47 THR n 
1 48 THR n 
1 49 GLY n 
1 50 GLU n 
1 51 THR n 
1 52 GLY n 
1 53 TYR n 
1 54 ILE n 
1 55 PRO n 
1 56 SER n 
1 57 ILE n 
1 58 TYR n 
1 59 LEU n 
1 60 ALA n 
1 61 PRO n 
1 62 VAL n 
1 63 ASP n 
1 64 ARG n 
1 65 LEU n 
1 66 ASP n 
1 67 TYR n 
1 68 LYS n 
1 69 ASP n 
1 70 ASP n 
1 71 ASP n 
1 72 ASP n 
1 73 LYS n 
1 74 HIS n 
1 75 HIS n 
1 76 HIS n 
1 77 HIS n 
1 78 HIS n 
1 79 HIS n 
# 
_entity_src_gen.entity_id                          1 
_entity_src_gen.pdbx_src_id                        1 
_entity_src_gen.pdbx_alt_source_flag               sample 
_entity_src_gen.pdbx_seq_type                      ? 
_entity_src_gen.pdbx_beg_seq_num                   ? 
_entity_src_gen.pdbx_end_seq_num                   ? 
_entity_src_gen.gene_src_common_name               Chicken 
_entity_src_gen.gene_src_genus                     ? 
_entity_src_gen.pdbx_gene_src_gene                 ? 
_entity_src_gen.gene_src_species                   ? 
_entity_src_gen.gene_src_strain                    ? 
_entity_src_gen.gene_src_tissue                    ? 
_entity_src_gen.gene_src_tissue_fraction           ? 
_entity_src_gen.gene_src_details                   ? 
_entity_src_gen.pdbx_gene_src_fragment             ? 
_entity_src_gen.pdbx_gene_src_scientific_name      'Gallus gallus' 
_entity_src_gen.pdbx_gene_src_ncbi_taxonomy_id     ? 
_entity_src_gen.pdbx_gene_src_variant              ? 
_entity_src_gen.pdbx_gene_src_cell_line            ? 
_entity_src_gen.pdbx_gene_src_atcc                 ? 
_entity_src_gen.pdbx_gene_src_organ                ? 
_entity_src_gen.pdbx_gene_src_organelle            ? 
_entity_src_gen.pdbx_gene_src_cell                 ? 
_entity_src_gen.pdbx_gene_src_cellular_location    ? 
_entity_src_gen.host_org_common_name               ? 
_entity_src_gen.pdbx_host_org_scientific_name      'Escherichia coli' 
_entity_src_gen.pdbx_host_org_ncbi_taxonomy_id     ? 
_entity_src_gen.host_org_genus                     ? 
_entity_src_gen.pdbx_host_org_gene                 ? 
_entity_src_gen.pdbx_host_org_organ                ? 
_entity_src_gen.host_org_species                   ? 
_entity_src_gen.pdbx_host_org_tissue               ? 
_entity_src_gen.pdbx_host_org_tissue_fraction      ? 
_entity_src_gen.pdbx_host_org_strain               Bl21* 
_entity_src_gen.pdbx_host_org_variant              ? 
_entity_src_gen.pdbx_host_org_cell_line            ? 
_entity_src_gen.pdbx_host_org_atcc                 ? 
_entity_src_gen.pdbx_host_org_culture_collection   ? 
_entity_src_gen.pdbx_host_org_cell                 ? 
_entity_src_gen.pdbx_host_org_organelle            ? 
_entity_src_gen.pdbx_host_org_cellular_location    ? 
_entity_src_gen.pdbx_host_org_vector_type          'pET21d(+)' 
_entity_src_gen.pdbx_host_org_vector               ? 
_entity_src_gen.host_org_details                   ? 
_entity_src_gen.expression_system_id               ? 
_entity_src_gen.plasmid_name                       ? 
_entity_src_gen.plasmid_details                    ? 
_entity_src_gen.pdbx_description                   ? 
# 
_struct_ref.id                         1 
_struct_ref.db_name                    UNP 
_struct_ref.db_code                    FYN_CHICK 
_struct_ref.pdbx_db_accession          Q05876 
_struct_ref.entity_id                  1 
_struct_ref.pdbx_seq_one_letter_code   TLFEALYDYEARTEDDLSFHKGEKFQILNSSEGDWWEARSLTTGETGYIPSNYVAPVD 
_struct_ref.pdbx_align_begin           85 
_struct_ref.pdbx_db_isoform            ? 
# 
_struct_ref_seq.align_id                      1 
_struct_ref_seq.ref_id                        1 
_struct_ref_seq.pdbx_PDB_id_code              3CQT 
_struct_ref_seq.pdbx_strand_id                A 
_struct_ref_seq.seq_align_beg                 6 
_struct_ref_seq.pdbx_seq_align_beg_ins_code   ? 
_struct_ref_seq.seq_align_end                 63 
_struct_ref_seq.pdbx_seq_align_end_ins_code   ? 
_struct_ref_seq.pdbx_db_accession             Q05876 
_struct_ref_seq.db_align_beg                  85 
_struct_ref_seq.pdbx_db_align_beg_ins_code    ? 
_struct_ref_seq.db_align_end                  142 
_struct_ref_seq.pdbx_db_align_end_ins_code    ? 
_struct_ref_seq.pdbx_auth_seq_align_beg       2 
_struct_ref_seq.pdbx_auth_seq_align_end       59 
# 
loop_
_struct_ref_seq_dif.align_id 
_struct_ref_seq_dif.pdbx_pdb_id_code 
_struct_ref_seq_dif.mon_id 
_struct_ref_seq_dif.pdbx_pdb_strand_id 
_struct_ref_seq_dif.seq_num 
_struct_ref_seq_dif.pdbx_pdb_ins_code 
_struct_ref_seq_dif.pdbx_seq_db_name 
_struct_ref_seq_dif.pdbx_seq_db_accession_code 
_struct_ref_seq_dif.db_mon_id 
_struct_ref_seq_dif.pdbx_seq_db_seq_num 
_struct_ref_seq_dif.details 
_struct_ref_seq_dif.pdbx_auth_seq_num 
_struct_ref_seq_dif.pdbx_ordinal 
1 3CQT MET A 1  ? UNP Q05876 ?   ?   'expression tag'      -3 1  
1 3CQT VAL A 2  ? UNP Q05876 ?   ?   'expression tag'      -2 2  
1 3CQT GLN A 3  ? UNP Q05876 ?   ?   'expression tag'      -1 3  
1 3CQT ILE A 4  ? UNP Q05876 ?   ?   'expression tag'      0  4  
1 3CQT SER A 5  ? UNP Q05876 ?   ?   'expression tag'      1  5  
1 3CQT ILE A 57 ? UNP Q05876 ASN 136 'engineered mutation' 53 6  
1 3CQT LEU A 59 ? UNP Q05876 VAL 138 'engineered mutation' 55 7  
1 3CQT ARG A 64 ? UNP Q05876 ?   ?   'expression tag'      60 8  
1 3CQT LEU A 65 ? UNP Q05876 ?   ?   'expression tag'      61 9  
1 3CQT ASP A 66 ? UNP Q05876 ?   ?   'expression tag'      62 10 
1 3CQT TYR A 67 ? UNP Q05876 ?   ?   'expression tag'      63 11 
1 3CQT LYS A 68 ? UNP Q05876 ?   ?   'expression tag'      64 12 
1 3CQT ASP A 69 ? UNP Q05876 ?   ?   'expression tag'      65 13 
1 3CQT ASP A 70 ? UNP Q05876 ?   ?   'expression tag'      66 14 
1 3CQT ASP A 71 ? UNP Q05876 ?   ?   'expression tag'      67 15 
1 3CQT ASP A 72 ? UNP Q05876 ?   ?   'expression tag'      68 16 
1 3CQT LYS A 73 ? UNP Q05876 ?   ?   'expression tag'      69 17 
1 3CQT HIS A 74 ? UNP Q05876 ?   ?   'expression tag'      70 18 
1 3CQT HIS A 75 ? UNP Q05876 ?   ?   'expression tag'      71 19 
1 3CQT HIS A 76 ? UNP Q05876 ?   ?   'expression tag'      72 20 
1 3CQT HIS A 77 ? UNP Q05876 ?   ?   'expression tag'      73 21 
1 3CQT HIS A 78 ? UNP Q05876 ?   ?   'expression tag'      74 22 
1 3CQT HIS A 79 ? UNP Q05876 ?   ?   'expression tag'      75 23 
# 
loop_
_chem_comp.id 
_chem_comp.type 
_chem_comp.mon_nstd_flag 
_chem_comp.name 
_chem_comp.pdbx_synonyms 
_chem_comp.formula 
_chem_comp.formula_weight 
ALA 'L-peptide linking' y ALANINE         ? 'C3 H7 N O2'     89.093  
ARG 'L-peptide linking' y ARGININE        ? 'C6 H15 N4 O2 1' 175.209 
ASN 'L-peptide linking' y ASPARAGINE      ? 'C4 H8 N2 O3'    132.118 
ASP 'L-peptide linking' y 'ASPARTIC ACID' ? 'C4 H7 N O4'     133.103 
GLN 'L-peptide linking' y GLUTAMINE       ? 'C5 H10 N2 O3'   146.144 
GLU 'L-peptide linking' y 'GLUTAMIC ACID' ? 'C5 H9 N O4'     147.129 
GLY 'peptide linking'   y GLYCINE         ? 'C2 H5 N O2'     75.067  
HIS 'L-peptide linking' y HISTIDINE       ? 'C6 H10 N3 O2 1' 156.162 
HOH non-polymer         . WATER           ? 'H2 O'           18.015  
ILE 'L-peptide linking' y ISOLEUCINE      ? 'C6 H13 N O2'    131.173 
LEU 'L-peptide linking' y LEUCINE         ? 'C6 H13 N O2'    131.173 
LYS 'L-peptide linking' y LYSINE          ? 'C6 H15 N2 O2 1' 147.195 
MET 'L-peptide linking' y METHIONINE      ? 'C5 H11 N O2 S'  149.211 
PHE 'L-peptide linking' y PHENYLALANINE   ? 'C9 H11 N O2'    165.189 
PRO 'L-peptide linking' y PROLINE         ? 'C5 H9 N O2'     115.130 
SER 'L-peptide linking' y SERINE          ? 'C3 H7 N O3'     105.093 
THR 'L-peptide linking' y THREONINE       ? 'C4 H9 N O3'     119.119 
TRP 'L-peptide linking' y TRYPTOPHAN      ? 'C11 H12 N2 O2'  204.225 
TYR 'L-peptide linking' y TYROSINE        ? 'C9 H11 N O3'    181.189 
VAL 'L-peptide linking' y VALINE          ? 'C5 H11 N O2'    117.146 
# 
_exptl.entry_id          3CQT 
_exptl.method            'X-RAY DIFFRACTION' 
_exptl.crystals_number   1 
# 
_exptl_crystal.id                    1 
_exptl_crystal.density_meas          ? 
_exptl_crystal.density_Matthews      1.88 
_exptl_crystal.density_percent_sol   34.42 
_exptl_crystal.description           ? 
_exptl_crystal.F_000                 ? 
_exptl_crystal.preparation           ? 
# 
_exptl_crystal_grow.crystal_id      1 
_exptl_crystal_grow.method          'VAPOR DIFFUSION, HANGING DROP' 
_exptl_crystal_grow.temp            298 
_exptl_crystal_grow.temp_details    ? 
_exptl_crystal_grow.pH              6.5 
_exptl_crystal_grow.pdbx_details    
'0.1 M Sodium Cacodylate, 1.4 M Sodium Acetate, pH 6.5, VAPOR DIFFUSION, HANGING DROP, temperature 298K' 
_exptl_crystal_grow.pdbx_pH_range   . 
# 
_diffrn.id                     1 
_diffrn.ambient_temp           93 
_diffrn.ambient_temp_details   ? 
_diffrn.crystal_id             1 
# 
_diffrn_detector.diffrn_id              1 
_diffrn_detector.detector               'IMAGE PLATE' 
_diffrn_detector.type                   'RIGAKU RAXIS IV' 
_diffrn_detector.pdbx_collection_date   2007-07-04 
_diffrn_detector.details                mirrors 
# 
_diffrn_radiation.diffrn_id                        1 
_diffrn_radiation.wavelength_id                    1 
_diffrn_radiation.pdbx_monochromatic_or_laue_m_l   M 
_diffrn_radiation.monochromator                    'Ni MIRROR 0.3 + Ni FILTER' 
_diffrn_radiation.pdbx_diffrn_protocol             'SINGLE WAVELENGTH' 
_diffrn_radiation.pdbx_scattering_type             x-ray 
# 
_diffrn_radiation_wavelength.id           1 
_diffrn_radiation_wavelength.wavelength   1.54 
_diffrn_radiation_wavelength.wt           1.0 
# 
_diffrn_source.diffrn_id                   1 
_diffrn_source.source                      'ROTATING ANODE' 
_diffrn_source.type                        'RIGAKU RUH3R' 
_diffrn_source.pdbx_synchrotron_site       ? 
_diffrn_source.pdbx_synchrotron_beamline   ? 
_diffrn_source.pdbx_wavelength             ? 
_diffrn_source.pdbx_wavelength_list        1.54 
# 
_reflns.entry_id                     3CQT 
_reflns.observed_criterion_sigma_I   2.0 
_reflns.observed_criterion_sigma_F   2.0 
_reflns.d_resolution_low             45.06 
_reflns.d_resolution_high            1.60 
_reflns.number_obs                   8962 
_reflns.number_all                   9568 
_reflns.percent_possible_obs         93.7 
_reflns.pdbx_Rmerge_I_obs            0.0728 
_reflns.pdbx_Rsym_value              0.0175 
_reflns.pdbx_netI_over_sigmaI        53.07 
_reflns.B_iso_Wilson_estimate        ? 
_reflns.pdbx_redundancy              3.40 
_reflns.R_free_details               ? 
_reflns.limit_h_max                  ? 
_reflns.limit_h_min                  ? 
_reflns.limit_k_max                  ? 
_reflns.limit_k_min                  ? 
_reflns.limit_l_max                  ? 
_reflns.limit_l_min                  ? 
_reflns.observed_criterion_F_max     ? 
_reflns.observed_criterion_F_min     ? 
_reflns.pdbx_chi_squared             ? 
_reflns.pdbx_scaling_rejects         ? 
_reflns.pdbx_diffrn_id               1 
_reflns.pdbx_ordinal                 1 
# 
_reflns_shell.d_res_high             1.60 
_reflns_shell.d_res_low              1.7 
_reflns_shell.percent_possible_all   97.8 
_reflns_shell.Rmerge_I_obs           0.1178 
_reflns_shell.pdbx_Rsym_value        0.0310 
_reflns_shell.meanI_over_sigI_obs    33.05 
_reflns_shell.pdbx_redundancy        3.4 
_reflns_shell.percent_possible_obs   ? 
_reflns_shell.number_unique_all      ? 
_reflns_shell.number_measured_all    ? 
_reflns_shell.number_measured_obs    ? 
_reflns_shell.number_unique_obs      ? 
_reflns_shell.pdbx_chi_squared       ? 
_reflns_shell.pdbx_diffrn_id         ? 
_reflns_shell.pdbx_ordinal           1 
# 
_refine.entry_id                                 3CQT 
_refine.ls_number_reflns_obs                     8516 
_refine.ls_number_reflns_all                     9568 
_refine.pdbx_ls_sigma_I                          ? 
_refine.pdbx_ls_sigma_F                          ? 
_refine.pdbx_data_cutoff_high_absF               ? 
_refine.pdbx_data_cutoff_low_absF                ? 
_refine.pdbx_data_cutoff_high_rms_absF           ? 
_refine.ls_d_res_low                             45.06 
_refine.ls_d_res_high                            1.60 
_refine.ls_percent_reflns_obs                    93.69 
_refine.ls_R_factor_obs                          0.20881 
_refine.ls_R_factor_all                          ? 
_refine.ls_R_factor_R_work                       0.20743 
_refine.ls_R_factor_R_free                       0.23652 
_refine.ls_R_factor_R_free_error                 ? 
_refine.ls_R_factor_R_free_error_details         ? 
_refine.ls_percent_reflns_R_free                 4.9 
_refine.ls_number_reflns_R_free                  435 
_refine.ls_number_parameters                     ? 
_refine.ls_number_restraints                     ? 
_refine.occupancy_min                            ? 
_refine.occupancy_max                            ? 
_refine.correlation_coeff_Fo_to_Fc               0.939 
_refine.correlation_coeff_Fo_to_Fc_free          0.931 
_refine.B_iso_mean                               15.398 
_refine.aniso_B[1][1]                            -0.22 
_refine.aniso_B[2][2]                            -0.22 
_refine.aniso_B[3][3]                            0.33 
_refine.aniso_B[1][2]                            -0.11 
_refine.aniso_B[1][3]                            0.00 
_refine.aniso_B[2][3]                            0.00 
_refine.solvent_model_details                    MASK 
_refine.solvent_model_param_ksol                 ? 
_refine.solvent_model_param_bsol                 ? 
_refine.pdbx_solvent_vdw_probe_radii             1.20 
_refine.pdbx_solvent_ion_probe_radii             0.80 
_refine.pdbx_solvent_shrinkage_radii             0.80 
_refine.pdbx_ls_cross_valid_method               THROUGHOUT 
_refine.details                                  ? 
_refine.pdbx_starting_model                      'PDB entry 1fyn' 
_refine.pdbx_method_to_determine_struct          'MOLECULAR REPLACEMENT' 
_refine.pdbx_isotropic_thermal_model             ? 
_refine.pdbx_stereochemistry_target_values       'MAXIMUM LIKELIHOOD' 
_refine.pdbx_stereochem_target_val_spec_case     ? 
_refine.pdbx_R_Free_selection_details            RANDOM 
_refine.pdbx_overall_ESU_R                       0.106 
_refine.pdbx_overall_ESU_R_Free                  0.103 
_refine.overall_SU_ML                            0.055 
_refine.pdbx_overall_phase_error                 ? 
_refine.overall_SU_B                             1.464 
_refine.ls_redundancy_reflns_obs                 ? 
_refine.B_iso_min                                ? 
_refine.B_iso_max                                ? 
_refine.overall_SU_R_Cruickshank_DPI             ? 
_refine.overall_SU_R_free                        ? 
_refine.ls_wR_factor_R_free                      ? 
_refine.ls_wR_factor_R_work                      ? 
_refine.overall_FOM_free_R_set                   ? 
_refine.overall_FOM_work_R_set                   ? 
_refine.pdbx_refine_id                           'X-RAY DIFFRACTION' 
_refine.pdbx_diffrn_id                           1 
_refine.pdbx_TLS_residual_ADP_flag               ? 
_refine.pdbx_overall_SU_R_free_Cruickshank_DPI   ? 
_refine.pdbx_overall_SU_R_Blow_DPI               ? 
_refine.pdbx_overall_SU_R_free_Blow_DPI          ? 
# 
_refine_hist.pdbx_refine_id                   'X-RAY DIFFRACTION' 
_refine_hist.cycle_id                         LAST 
_refine_hist.pdbx_number_atoms_protein        496 
_refine_hist.pdbx_number_atoms_nucleic_acid   0 
_refine_hist.pdbx_number_atoms_ligand         0 
_refine_hist.number_atoms_solvent             89 
_refine_hist.number_atoms_total               585 
_refine_hist.d_res_high                       1.60 
_refine_hist.d_res_low                        45.06 
# 
loop_
_refine_ls_restr.type 
_refine_ls_restr.dev_ideal 
_refine_ls_restr.dev_ideal_target 
_refine_ls_restr.weight 
_refine_ls_restr.number 
_refine_ls_restr.pdbx_refine_id 
_refine_ls_restr.pdbx_restraint_function 
r_bond_refined_d             0.006  0.021  ? 513 'X-RAY DIFFRACTION' ? 
r_bond_other_d               ?      ?      ? ?   'X-RAY DIFFRACTION' ? 
r_angle_refined_deg          0.971  1.934  ? 702 'X-RAY DIFFRACTION' ? 
r_angle_other_deg            ?      ?      ? ?   'X-RAY DIFFRACTION' ? 
r_dihedral_angle_1_deg       6.042  5.000  ? 63  'X-RAY DIFFRACTION' ? 
r_dihedral_angle_2_deg       29.660 24.444 ? 27  'X-RAY DIFFRACTION' ? 
r_dihedral_angle_3_deg       12.883 15.000 ? 79  'X-RAY DIFFRACTION' ? 
r_dihedral_angle_4_deg       25.935 15.000 ? 2   'X-RAY DIFFRACTION' ? 
r_chiral_restr               0.074  0.200  ? 72  'X-RAY DIFFRACTION' ? 
r_gen_planes_refined         0.003  0.020  ? 411 'X-RAY DIFFRACTION' ? 
r_gen_planes_other           ?      ?      ? ?   'X-RAY DIFFRACTION' ? 
r_nbd_refined                0.179  0.200  ? 209 'X-RAY DIFFRACTION' ? 
r_nbd_other                  ?      ?      ? ?   'X-RAY DIFFRACTION' ? 
r_nbtor_refined              0.306  0.200  ? 351 'X-RAY DIFFRACTION' ? 
r_nbtor_other                ?      ?      ? ?   'X-RAY DIFFRACTION' ? 
r_xyhbond_nbd_refined        0.088  0.200  ? 64  'X-RAY DIFFRACTION' ? 
r_xyhbond_nbd_other          ?      ?      ? ?   'X-RAY DIFFRACTION' ? 
r_metal_ion_refined          ?      ?      ? ?   'X-RAY DIFFRACTION' ? 
r_metal_ion_other            ?      ?      ? ?   'X-RAY DIFFRACTION' ? 
r_symmetry_vdw_refined       0.202  0.200  ? 37  'X-RAY DIFFRACTION' ? 
r_symmetry_vdw_other         ?      ?      ? ?   'X-RAY DIFFRACTION' ? 
r_symmetry_hbond_refined     0.095  0.200  ? 11  'X-RAY DIFFRACTION' ? 
r_symmetry_hbond_other       ?      ?      ? ?   'X-RAY DIFFRACTION' ? 
r_symmetry_metal_ion_refined ?      ?      ? ?   'X-RAY DIFFRACTION' ? 
r_symmetry_metal_ion_other   ?      ?      ? ?   'X-RAY DIFFRACTION' ? 
r_mcbond_it                  0.554  1.500  ? 312 'X-RAY DIFFRACTION' ? 
r_mcbond_other               ?      ?      ? ?   'X-RAY DIFFRACTION' ? 
r_mcangle_it                 0.971  2.000  ? 493 'X-RAY DIFFRACTION' ? 
r_scbond_it                  1.305  3.000  ? 237 'X-RAY DIFFRACTION' ? 
r_scangle_it                 1.896  4.500  ? 209 'X-RAY DIFFRACTION' ? 
r_rigid_bond_restr           ?      ?      ? ?   'X-RAY DIFFRACTION' ? 
r_sphericity_free            ?      ?      ? ?   'X-RAY DIFFRACTION' ? 
r_sphericity_bonded          ?      ?      ? ?   'X-RAY DIFFRACTION' ? 
# 
_refine_ls_shell.pdbx_total_number_of_bins_used   20 
_refine_ls_shell.d_res_high                       1.60 
_refine_ls_shell.d_res_low                        1.642 
_refine_ls_shell.number_reflns_R_work             625 
_refine_ls_shell.R_factor_R_work                  0.231 
_refine_ls_shell.percent_reflns_obs               96.78 
_refine_ls_shell.R_factor_R_free                  0.246 
_refine_ls_shell.R_factor_R_free_error            ? 
_refine_ls_shell.percent_reflns_R_free            ? 
_refine_ls_shell.number_reflns_R_free             37 
_refine_ls_shell.number_reflns_all                ? 
_refine_ls_shell.R_factor_all                     ? 
_refine_ls_shell.redundancy_reflns_obs            ? 
_refine_ls_shell.number_reflns_obs                ? 
_refine_ls_shell.pdbx_refine_id                   'X-RAY DIFFRACTION' 
# 
_struct.entry_id                  3CQT 
_struct.title                     'N53I V55L MUTANT of FYN SH3 DOMAIN' 
_struct.pdbx_model_details        ? 
_struct.pdbx_CASP_flag            ? 
_struct.pdbx_model_type_details   ? 
# 
_struct_keywords.entry_id        3CQT 
_struct_keywords.pdbx_keywords   TRANSFERASE 
_struct_keywords.text            
;beta barrel, ATP-binding, Developmental protein, Kinase, Lipoprotein, Manganese, Metal-binding, Myristate, Nucleotide-binding, Palmitate, Phosphoprotein, Proto-oncogene, SH2 domain, SH3 domain, Transferase, Tyrosine-protein kinase
;
# 
loop_
_struct_asym.id 
_struct_asym.pdbx_blank_PDB_chainid_flag 
_struct_asym.pdbx_modified 
_struct_asym.entity_id 
_struct_asym.details 
A N N 1 ? 
B N N 2 ? 
# 
_struct_biol.id        1 
_struct_biol.details   ? 
# 
_struct_sheet.id               A 
_struct_sheet.type             ? 
_struct_sheet.number_strands   5 
_struct_sheet.details          ? 
# 
loop_
_struct_sheet_order.sheet_id 
_struct_sheet_order.range_id_1 
_struct_sheet_order.range_id_2 
_struct_sheet_order.offset 
_struct_sheet_order.sense 
A 1 2 ? anti-parallel 
A 2 3 ? anti-parallel 
A 3 4 ? anti-parallel 
A 4 5 ? anti-parallel 
# 
loop_
_struct_sheet_range.sheet_id 
_struct_sheet_range.id 
_struct_sheet_range.beg_label_comp_id 
_struct_sheet_range.beg_label_asym_id 
_struct_sheet_range.beg_label_seq_id 
_struct_sheet_range.pdbx_beg_PDB_ins_code 
_struct_sheet_range.end_label_comp_id 
_struct_sheet_range.end_label_asym_id 
_struct_sheet_range.end_label_seq_id 
_struct_sheet_range.pdbx_end_PDB_ins_code 
_struct_sheet_range.beg_auth_comp_id 
_struct_sheet_range.beg_auth_asym_id 
_struct_sheet_range.beg_auth_seq_id 
_struct_sheet_range.end_auth_comp_id 
_struct_sheet_range.end_auth_asym_id 
_struct_sheet_range.end_auth_seq_id 
A 1 THR A 51 ? PRO A 55 ? THR A 47 PRO A 51 
A 2 TRP A 40 ? SER A 45 ? TRP A 36 SER A 41 
A 3 LYS A 29 ? ASN A 34 ? LYS A 25 ASN A 30 
A 4 PHE A 8  ? ALA A 10 ? PHE A 4  ALA A 6  
A 5 LEU A 59 ? PRO A 61 ? LEU A 55 PRO A 57 
# 
loop_
_pdbx_struct_sheet_hbond.sheet_id 
_pdbx_struct_sheet_hbond.range_id_1 
_pdbx_struct_sheet_hbond.range_id_2 
_pdbx_struct_sheet_hbond.range_1_label_atom_id 
_pdbx_struct_sheet_hbond.range_1_label_comp_id 
_pdbx_struct_sheet_hbond.range_1_label_asym_id 
_pdbx_struct_sheet_hbond.range_1_label_seq_id 
_pdbx_struct_sheet_hbond.range_1_PDB_ins_code 
_pdbx_struct_sheet_hbond.range_1_auth_atom_id 
_pdbx_struct_sheet_hbond.range_1_auth_comp_id 
_pdbx_struct_sheet_hbond.range_1_auth_asym_id 
_pdbx_struct_sheet_hbond.range_1_auth_seq_id 
_pdbx_struct_sheet_hbond.range_2_label_atom_id 
_pdbx_struct_sheet_hbond.range_2_label_comp_id 
_pdbx_struct_sheet_hbond.range_2_label_asym_id 
_pdbx_struct_sheet_hbond.range_2_label_seq_id 
_pdbx_struct_sheet_hbond.range_2_PDB_ins_code 
_pdbx_struct_sheet_hbond.range_2_auth_atom_id 
_pdbx_struct_sheet_hbond.range_2_auth_comp_id 
_pdbx_struct_sheet_hbond.range_2_auth_asym_id 
_pdbx_struct_sheet_hbond.range_2_auth_seq_id 
A 1 2 O GLY A 52 ? O GLY A 48 N ALA A 43 ? N ALA A 39 
A 2 3 O ARG A 44 ? O ARG A 40 N GLN A 31 ? N GLN A 27 
A 3 4 O PHE A 30 ? O PHE A 26 N PHE A 8  ? N PHE A 4  
A 4 5 N GLU A 9  ? N GLU A 5  O ALA A 60 ? O ALA A 56 
# 
_atom_sites.entry_id                    3CQT 
_atom_sites.fract_transf_matrix[1][1]   0.01073974 
_atom_sites.fract_transf_matrix[1][2]   -0.00810321 
_atom_sites.fract_transf_matrix[1][3]   0.01764900 
_atom_sites.fract_transf_matrix[2][1]   -0.00371364 
_atom_sites.fract_transf_matrix[2][2]   0.00855192 
_atom_sites.fract_transf_matrix[2][3]   0.02013848 
_atom_sites.fract_transf_matrix[3][1]   -0.01643332 
_atom_sites.fract_transf_matrix[3][2]   -0.01474378 
_atom_sites.fract_transf_matrix[3][3]   0.00323064 
_atom_sites.fract_transf_vector[1]      0.518652 
_atom_sites.fract_transf_vector[2]      0.675532 
_atom_sites.fract_transf_vector[3]      0.181597 
# 
loop_
_atom_type.symbol 
C 
N 
O 
# 
loop_
_atom_site.group_PDB 
_atom_site.id 
_atom_site.type_symbol 
_atom_site.label_atom_id 
_atom_site.label_alt_id 
_atom_site.label_comp_id 
_atom_site.label_asym_id 
_atom_site.label_entity_id 
_atom_site.label_seq_id 
_atom_site.pdbx_PDB_ins_code 
_atom_site.Cartn_x 
_atom_site.Cartn_y 
_atom_site.Cartn_z 
_atom_site.occupancy 
_atom_site.B_iso_or_equiv 
_atom_site.pdbx_formal_charge 
_atom_site.auth_seq_id 
_atom_site.auth_comp_id 
_atom_site.auth_asym_id 
_atom_site.auth_atom_id 
_atom_site.pdbx_PDB_model_num 
ATOM   1   N N   . SER A 1 5  ? -10.710 10.376  -7.067  1.00 23.19  ? 1   SER A N   1 
ATOM   2   C CA  . SER A 1 5  ? -9.512  9.574   -6.681  1.00 23.17  ? 1   SER A CA  1 
ATOM   3   C C   . SER A 1 5  ? -9.624  8.151   -7.229  1.00 22.46  ? 1   SER A C   1 
ATOM   4   O O   . SER A 1 5  ? -10.623 7.797   -7.855  1.00 22.55  ? 1   SER A O   1 
ATOM   5   C CB  . SER A 1 5  ? -9.343  9.558   -5.157  1.00 23.42  ? 1   SER A CB  1 
ATOM   6   O OG  . SER A 1 5  ? -9.635  10.827  -4.590  1.00 25.42  ? 1   SER A OG  1 
ATOM   7   N N   . THR A 1 6  ? -8.595  7.340   -7.001  1.00 21.39  ? 2   THR A N   1 
ATOM   8   C CA  . THR A 1 6  ? -8.574  5.969   -7.506  1.00 20.17  ? 2   THR A CA  1 
ATOM   9   C C   . THR A 1 6  ? -8.021  5.001   -6.465  1.00 18.73  ? 2   THR A C   1 
ATOM   10  O O   . THR A 1 6  ? -7.177  5.372   -5.643  1.00 18.50  ? 2   THR A O   1 
ATOM   11  C CB  . THR A 1 6  ? -7.764  5.848   -8.840  1.00 20.48  ? 2   THR A CB  1 
ATOM   12  O OG1 . THR A 1 6  ? -7.744  4.483   -9.285  1.00 21.55  ? 2   THR A OG1 1 
ATOM   13  C CG2 . THR A 1 6  ? -6.331  6.333   -8.672  1.00 20.95  ? 2   THR A CG2 1 
ATOM   14  N N   . LEU A 1 7  ? -8.515  3.767   -6.500  1.00 17.15  ? 3   LEU A N   1 
ATOM   15  C CA  . LEU A 1 7  ? -7.899  2.684   -5.741  1.00 15.57  ? 3   LEU A CA  1 
ATOM   16  C C   . LEU A 1 7  ? -6.626  2.253   -6.450  1.00 14.46  ? 3   LEU A C   1 
ATOM   17  O O   . LEU A 1 7  ? -6.492  2.401   -7.664  1.00 13.92  ? 3   LEU A O   1 
ATOM   18  C CB  . LEU A 1 7  ? -8.850  1.493   -5.581  1.00 15.93  ? 3   LEU A CB  1 
ATOM   19  C CG  . LEU A 1 7  ? -10.157 1.694   -4.807  1.00 16.22  ? 3   LEU A CG  1 
ATOM   20  C CD1 . LEU A 1 7  ? -11.004 0.429   -4.897  1.00 16.80  ? 3   LEU A CD1 1 
ATOM   21  C CD2 . LEU A 1 7  ? -9.909  2.091   -3.355  1.00 17.08  ? 3   LEU A CD2 1 
ATOM   22  N N   . PHE A 1 8  ? -5.682  1.734   -5.677  1.00 12.79  ? 4   PHE A N   1 
ATOM   23  C CA  . PHE A 1 8  ? -4.445  1.209   -6.234  1.00 11.96  ? 4   PHE A CA  1 
ATOM   24  C C   . PHE A 1 8  ? -4.338  -0.280  -5.963  1.00 11.74  ? 4   PHE A C   1 
ATOM   25  O O   . PHE A 1 8  ? -4.933  -0.781  -5.006  1.00 11.48  ? 4   PHE A O   1 
ATOM   26  C CB  . PHE A 1 8  ? -3.247  1.954   -5.654  1.00 12.03  ? 4   PHE A CB  1 
ATOM   27  C CG  . PHE A 1 8  ? -3.007  3.286   -6.293  1.00 11.71  ? 4   PHE A CG  1 
ATOM   28  C CD1 . PHE A 1 8  ? -3.852  4.361   -6.036  1.00 12.17  ? 4   PHE A CD1 1 
ATOM   29  C CD2 . PHE A 1 8  ? -1.950  3.464   -7.177  1.00 11.77  ? 4   PHE A CD2 1 
ATOM   30  C CE1 . PHE A 1 8  ? -3.634  5.593   -6.637  1.00 12.66  ? 4   PHE A CE1 1 
ATOM   31  C CE2 . PHE A 1 8  ? -1.725  4.698   -7.783  1.00 13.07  ? 4   PHE A CE2 1 
ATOM   32  C CZ  . PHE A 1 8  ? -2.573  5.764   -7.510  1.00 12.55  ? 4   PHE A CZ  1 
ATOM   33  N N   . GLU A 1 9  ? -3.616  -0.989  -6.826  1.00 11.44  ? 5   GLU A N   1 
ATOM   34  C CA  . GLU A 1 9  ? -3.386  -2.422  -6.619  1.00 11.91  ? 5   GLU A CA  1 
ATOM   35  C C   . GLU A 1 9  ? -1.900  -2.737  -6.633  1.00 11.02  ? 5   GLU A C   1 
ATOM   36  O O   . GLU A 1 9  ? -1.124  -2.081  -7.324  1.00 10.82  ? 5   GLU A O   1 
ATOM   37  C CB  . GLU A 1 9  ? -4.124  -3.271  -7.661  1.00 12.18  ? 5   GLU A CB  1 
ATOM   38  C CG  . GLU A 1 9  ? -3.799  -2.957  -9.109  1.00 14.16  ? 5   GLU A CG  1 
ATOM   39  C CD  . GLU A 1 9  ? -4.687  -3.727  -10.079 1.00 14.20  ? 5   GLU A CD  1 
ATOM   40  O OE1 . GLU A 1 9  ? -5.673  -4.357  -9.630  1.00 18.20  ? 5   GLU A OE1 1 
ATOM   41  O OE2 . GLU A 1 9  ? -4.410  -3.692  -11.293 1.00 18.62  ? 5   GLU A OE2 1 
ATOM   42  N N   . ALA A 1 10 ? -1.513  -3.746  -5.859  1.00 10.25  ? 6   ALA A N   1 
ATOM   43  C CA  . ALA A 1 10 ? -0.116  -4.157  -5.788  1.00 10.30  ? 6   ALA A CA  1 
ATOM   44  C C   . ALA A 1 10 ? 0.329   -4.844  -7.074  1.00 10.37  ? 6   ALA A C   1 
ATOM   45  O O   . ALA A 1 10 ? -0.327  -5.775  -7.539  1.00 10.79  ? 6   ALA A O   1 
ATOM   46  C CB  . ALA A 1 10 ? 0.092   -5.086  -4.612  1.00 9.92   ? 6   ALA A CB  1 
ATOM   47  N N   . LEU A 1 11 ? 1.453   -4.380  -7.616  1.00 10.98  ? 7   LEU A N   1 
ATOM   48  C CA  . LEU A 1 11 ? 2.087   -4.991  -8.784  1.00 11.33  ? 7   LEU A CA  1 
ATOM   49  C C   . LEU A 1 11 ? 2.932   -6.181  -8.368  1.00 11.57  ? 7   LEU A C   1 
ATOM   50  O O   . LEU A 1 11 ? 3.167   -7.096  -9.166  1.00 11.72  ? 7   LEU A O   1 
ATOM   51  C CB  . LEU A 1 11 ? 2.966   -3.972  -9.511  1.00 11.67  ? 7   LEU A CB  1 
ATOM   52  C CG  . LEU A 1 11 ? 2.233   -2.806  -10.177 1.00 12.03  ? 7   LEU A CG  1 
ATOM   53  C CD1 . LEU A 1 11 ? 3.219   -1.711  -10.565 1.00 13.52  ? 7   LEU A CD1 1 
ATOM   54  C CD2 . LEU A 1 11 ? 1.429   -3.281  -11.378 1.00 13.81  ? 7   LEU A CD2 1 
ATOM   55  N N   . TYR A 1 12 ? 3.405   -6.148  -7.124  1.00 11.60  ? 8   TYR A N   1 
ATOM   56  C CA  . TYR A 1 12 ? 4.281   -7.194  -6.594  1.00 11.82  ? 8   TYR A CA  1 
ATOM   57  C C   . TYR A 1 12 ? 3.984   -7.433  -5.121  1.00 11.92  ? 8   TYR A C   1 
ATOM   58  O O   . TYR A 1 12 ? 3.438   -6.559  -4.444  1.00 11.36  ? 8   TYR A O   1 
ATOM   59  C CB  . TYR A 1 12 ? 5.760   -6.802  -6.732  1.00 12.53  ? 8   TYR A CB  1 
ATOM   60  C CG  . TYR A 1 12 ? 6.093   -5.868  -7.877  1.00 13.04  ? 8   TYR A CG  1 
ATOM   61  C CD1 . TYR A 1 12 ? 6.411   -6.359  -9.145  1.00 13.67  ? 8   TYR A CD1 1 
ATOM   62  C CD2 . TYR A 1 12 ? 6.122   -4.489  -7.682  1.00 13.61  ? 8   TYR A CD2 1 
ATOM   63  C CE1 . TYR A 1 12 ? 6.721   -5.495  -10.193 1.00 14.76  ? 8   TYR A CE1 1 
ATOM   64  C CE2 . TYR A 1 12 ? 6.425   -3.624  -8.715  1.00 14.69  ? 8   TYR A CE2 1 
ATOM   65  C CZ  . TYR A 1 12 ? 6.730   -4.128  -9.966  1.00 14.14  ? 8   TYR A CZ  1 
ATOM   66  O OH  . TYR A 1 12 ? 7.042   -3.248  -10.984 1.00 15.48  ? 8   TYR A OH  1 
ATOM   67  N N   . ASP A 1 13 ? 4.343   -8.621  -4.636  1.00 11.35  ? 9   ASP A N   1 
ATOM   68  C CA  . ASP A 1 13 ? 4.369   -8.910  -3.203  1.00 11.61  ? 9   ASP A CA  1 
ATOM   69  C C   . ASP A 1 13 ? 5.333   -7.960  -2.492  1.00 11.41  ? 9   ASP A C   1 
ATOM   70  O O   . ASP A 1 13 ? 6.354   -7.550  -3.062  1.00 11.72  ? 9   ASP A O   1 
ATOM   71  C CB  . ASP A 1 13 ? 4.877   -10.336 -2.952  1.00 11.74  ? 9   ASP A CB  1 
ATOM   72  C CG  . ASP A 1 13 ? 3.872   -11.423 -3.328  1.00 12.81  ? 9   ASP A CG  1 
ATOM   73  O OD1 . ASP A 1 13 ? 2.775   -11.138 -3.843  1.00 12.46  ? 9   ASP A OD1 1 
ATOM   74  O OD2 . ASP A 1 13 ? 4.215   -12.605 -3.104  1.00 16.63  ? 9   ASP A OD2 1 
ATOM   75  N N   . TYR A 1 14 ? 5.034   -7.644  -1.237  1.00 11.32  ? 10  TYR A N   1 
ATOM   76  C CA  . TYR A 1 14 ? 5.935   -6.840  -0.420  1.00 11.70  ? 10  TYR A CA  1 
ATOM   77  C C   . TYR A 1 14 ? 5.918   -7.300  1.023   1.00 12.33  ? 10  TYR A C   1 
ATOM   78  O O   . TYR A 1 14 ? 4.850   -7.475  1.610   1.00 12.14  ? 10  TYR A O   1 
ATOM   79  C CB  . TYR A 1 14 ? 5.549   -5.361  -0.486  1.00 11.60  ? 10  TYR A CB  1 
ATOM   80  C CG  . TYR A 1 14 ? 6.347   -4.448  0.420   1.00 11.13  ? 10  TYR A CG  1 
ATOM   81  C CD1 . TYR A 1 14 ? 7.655   -4.091  0.098   1.00 10.53  ? 10  TYR A CD1 1 
ATOM   82  C CD2 . TYR A 1 14 ? 5.787   -3.915  1.583   1.00 11.08  ? 10  TYR A CD2 1 
ATOM   83  C CE1 . TYR A 1 14 ? 8.395   -3.245  0.927   1.00 10.74  ? 10  TYR A CE1 1 
ATOM   84  C CE2 . TYR A 1 14 ? 6.521   -3.070  2.419   1.00 11.59  ? 10  TYR A CE2 1 
ATOM   85  C CZ  . TYR A 1 14 ? 7.820   -2.741  2.081   1.00 11.71  ? 10  TYR A CZ  1 
ATOM   86  O OH  . TYR A 1 14 ? 8.553   -1.898  2.883   1.00 12.78  ? 10  TYR A OH  1 
ATOM   87  N N   A GLU A 1 15 ? 7.103   -7.491  1.594   0.50 12.97  ? 11  GLU A N   1 
ATOM   88  N N   B GLU A 1 15 ? 7.109   -7.497  1.579   0.50 12.95  ? 11  GLU A N   1 
ATOM   89  C CA  A GLU A 1 15 ? 7.225   -7.824  3.009   0.50 13.81  ? 11  GLU A CA  1 
ATOM   90  C CA  B GLU A 1 15 ? 7.262   -7.805  2.993   0.50 13.87  ? 11  GLU A CA  1 
ATOM   91  C C   A GLU A 1 15 ? 7.666   -6.611  3.825   0.50 14.02  ? 11  GLU A C   1 
ATOM   92  C C   B GLU A 1 15 ? 7.611   -6.531  3.761   0.50 14.02  ? 11  GLU A C   1 
ATOM   93  O O   A GLU A 1 15 ? 8.708   -6.011  3.549   0.50 13.95  ? 11  GLU A O   1 
ATOM   94  O O   B GLU A 1 15 ? 8.536   -5.805  3.384   0.50 14.11  ? 11  GLU A O   1 
ATOM   95  C CB  A GLU A 1 15 ? 8.180   -9.005  3.217   0.50 14.18  ? 11  GLU A CB  1 
ATOM   96  C CB  B GLU A 1 15 ? 8.339   -8.876  3.202   0.50 13.92  ? 11  GLU A CB  1 
ATOM   97  C CG  A GLU A 1 15 ? 7.553   -10.367 2.924   0.50 15.75  ? 11  GLU A CG  1 
ATOM   98  C CG  B GLU A 1 15 ? 8.348   -9.476  4.604   0.50 14.62  ? 11  GLU A CG  1 
ATOM   99  C CD  A GLU A 1 15 ? 6.357   -10.680 3.817   0.50 17.59  ? 11  GLU A CD  1 
ATOM   100 C CD  B GLU A 1 15 ? 9.130   -10.781 4.709   0.50 15.03  ? 11  GLU A CD  1 
ATOM   101 O OE1 A GLU A 1 15 ? 6.495   -10.604 5.057   0.50 19.31  ? 11  GLU A OE1 1 
ATOM   102 O OE1 B GLU A 1 15 ? 9.755   -11.205 3.712   0.50 17.18  ? 11  GLU A OE1 1 
ATOM   103 O OE2 A GLU A 1 15 ? 5.275   -11.009 3.279   0.50 18.38  ? 11  GLU A OE2 1 
ATOM   104 O OE2 B GLU A 1 15 ? 9.114   -11.385 5.801   0.50 16.67  ? 11  GLU A OE2 1 
ATOM   105 N N   . ALA A 1 16 ? 6.856   -6.267  4.826   1.00 14.33  ? 12  ALA A N   1 
ATOM   106 C CA  . ALA A 1 16 ? 7.094   -5.112  5.705   1.00 15.08  ? 12  ALA A CA  1 
ATOM   107 C C   . ALA A 1 16 ? 8.520   -5.084  6.244   1.00 15.89  ? 12  ALA A C   1 
ATOM   108 O O   . ALA A 1 16 ? 9.045   -6.114  6.671   1.00 16.48  ? 12  ALA A O   1 
ATOM   109 C CB  . ALA A 1 16 ? 6.103   -5.121  6.863   1.00 14.95  ? 12  ALA A CB  1 
ATOM   110 N N   . ARG A 1 17 ? 9.135   -3.903  6.214   1.00 16.91  ? 13  ARG A N   1 
ATOM   111 C CA  . ARG A 1 17 ? 10.507  -3.732  6.693   1.00 18.02  ? 13  ARG A CA  1 
ATOM   112 C C   . ARG A 1 17 ? 10.568  -2.916  7.978   1.00 18.71  ? 13  ARG A C   1 
ATOM   113 O O   . ARG A 1 17 ? 11.538  -3.007  8.739   1.00 19.05  ? 13  ARG A O   1 
ATOM   114 C CB  . ARG A 1 17 ? 11.366  -3.065  5.621   1.00 18.00  ? 13  ARG A CB  1 
ATOM   115 C CG  . ARG A 1 17 ? 11.449  -3.844  4.331   1.00 18.62  ? 13  ARG A CG  1 
ATOM   116 C CD  . ARG A 1 17 ? 12.355  -3.159  3.336   1.00 19.44  ? 13  ARG A CD  1 
ATOM   117 N NE  . ARG A 1 17 ? 13.767  -3.329  3.680   1.00 20.63  ? 13  ARG A NE  1 
ATOM   118 C CZ  . ARG A 1 17 ? 14.562  -2.374  4.156   1.00 21.32  ? 13  ARG A CZ  1 
ATOM   119 N NH1 . ARG A 1 17 ? 14.110  -1.136  4.345   1.00 21.70  ? 13  ARG A NH1 1 
ATOM   120 N NH2 . ARG A 1 17 ? 15.831  -2.657  4.426   1.00 20.68  ? 13  ARG A NH2 1 
ATOM   121 N N   . THR A 1 18 ? 9.537   -2.108  8.204   1.00 19.31  ? 14  THR A N   1 
ATOM   122 C CA  . THR A 1 18 ? 9.417   -1.318  9.426   1.00 20.11  ? 14  THR A CA  1 
ATOM   123 C C   . THR A 1 18 ? 8.079   -1.641  10.093  1.00 20.20  ? 14  THR A C   1 
ATOM   124 O O   . THR A 1 18 ? 7.205   -2.245  9.467   1.00 20.00  ? 14  THR A O   1 
ATOM   125 C CB  . THR A 1 18 ? 9.543   0.195   9.134   1.00 20.26  ? 14  THR A CB  1 
ATOM   126 O OG1 . THR A 1 18 ? 8.553   0.590   8.174   1.00 21.22  ? 14  THR A OG1 1 
ATOM   127 C CG2 . THR A 1 18 ? 10.937  0.526   8.595   1.00 21.09  ? 14  THR A CG2 1 
ATOM   128 N N   . GLU A 1 19 ? 7.917   -1.247  11.356  1.00 20.60  ? 15  GLU A N   1 
ATOM   129 C CA  . GLU A 1 19 ? 6.696   -1.572  12.100  1.00 21.10  ? 15  GLU A CA  1 
ATOM   130 C C   . GLU A 1 19 ? 5.450   -0.854  11.567  1.00 20.24  ? 15  GLU A C   1 
ATOM   131 O O   . GLU A 1 19 ? 4.325   -1.298  11.804  1.00 20.56  ? 15  GLU A O   1 
ATOM   132 C CB  . GLU A 1 19 ? 6.869   -1.336  13.612  1.00 21.12  ? 15  GLU A CB  1 
ATOM   133 C CG  . GLU A 1 19 ? 7.040   0.120   14.039  1.00 22.95  ? 15  GLU A CG  1 
ATOM   134 C CD  . GLU A 1 19 ? 6.887   0.321   15.545  1.00 23.00  ? 15  GLU A CD  1 
ATOM   135 O OE1 . GLU A 1 19 ? 6.520   -0.641  16.257  1.00 26.15  ? 15  GLU A OE1 1 
ATOM   136 O OE2 . GLU A 1 19 ? 7.133   1.452   16.017  1.00 26.15  ? 15  GLU A OE2 1 
ATOM   137 N N   . ASP A 1 20 ? 5.659   0.240   10.839  1.00 19.59  ? 16  ASP A N   1 
ATOM   138 C CA  . ASP A 1 20 ? 4.552   1.020   10.294  1.00 18.76  ? 16  ASP A CA  1 
ATOM   139 C C   . ASP A 1 20 ? 4.118   0.539   8.914   1.00 17.41  ? 16  ASP A C   1 
ATOM   140 O O   . ASP A 1 20 ? 3.050   0.915   8.437   1.00 16.72  ? 16  ASP A O   1 
ATOM   141 C CB  . ASP A 1 20 ? 4.902   2.512   10.254  1.00 19.56  ? 16  ASP A CB  1 
ATOM   142 C CG  . ASP A 1 20 ? 5.041   3.118   11.639  1.00 21.68  ? 16  ASP A CG  1 
ATOM   143 O OD1 . ASP A 1 20 ? 4.095   2.997   12.449  1.00 25.15  ? 16  ASP A OD1 1 
ATOM   144 O OD2 . ASP A 1 20 ? 6.100   3.717   11.914  1.00 24.61  ? 16  ASP A OD2 1 
ATOM   145 N N   . ASP A 1 21 ? 4.955   -0.284  8.282   1.00 15.98  ? 17  ASP A N   1 
ATOM   146 C CA  . ASP A 1 21 ? 4.650   -0.872  6.974   1.00 15.23  ? 17  ASP A CA  1 
ATOM   147 C C   . ASP A 1 21 ? 3.530   -1.902  7.033   1.00 14.15  ? 17  ASP A C   1 
ATOM   148 O O   . ASP A 1 21 ? 3.344   -2.586  8.048   1.00 13.92  ? 17  ASP A O   1 
ATOM   149 C CB  . ASP A 1 21 ? 5.878   -1.600  6.418   1.00 15.41  ? 17  ASP A CB  1 
ATOM   150 C CG  . ASP A 1 21 ? 6.880   -0.683  5.746   1.00 16.82  ? 17  ASP A CG  1 
ATOM   151 O OD1 . ASP A 1 21 ? 7.943   -1.207  5.358   1.00 18.33  ? 17  ASP A OD1 1 
ATOM   152 O OD2 . ASP A 1 21 ? 6.624   0.530   5.596   1.00 18.99  ? 17  ASP A OD2 1 
ATOM   153 N N   . LEU A 1 22 ? 2.808   -2.026  5.923   1.00 12.94  ? 18  LEU A N   1 
ATOM   154 C CA  . LEU A 1 22 ? 1.978   -3.202  5.673   1.00 12.23  ? 18  LEU A CA  1 
ATOM   155 C C   . LEU A 1 22 ? 2.758   -4.178  4.801   1.00 11.75  ? 18  LEU A C   1 
ATOM   156 O O   . LEU A 1 22 ? 3.544   -3.759  3.943   1.00 12.35  ? 18  LEU A O   1 
ATOM   157 C CB  . LEU A 1 22 ? 0.686   -2.828  4.945   1.00 12.03  ? 18  LEU A CB  1 
ATOM   158 C CG  . LEU A 1 22 ? -0.286  -1.840  5.589   1.00 11.78  ? 18  LEU A CG  1 
ATOM   159 C CD1 . LEU A 1 22 ? -1.439  -1.575  4.637   1.00 11.38  ? 18  LEU A CD1 1 
ATOM   160 C CD2 . LEU A 1 22 ? -0.800  -2.349  6.928   1.00 12.56  ? 18  LEU A CD2 1 
ATOM   161 N N   . SER A 1 23 ? 2.559   -5.471  5.041   1.00 11.44  ? 19  SER A N   1 
ATOM   162 C CA  . SER A 1 23 ? 2.918   -6.498  4.071   1.00 11.17  ? 19  SER A CA  1 
ATOM   163 C C   . SER A 1 23 ? 1.717   -6.716  3.165   1.00 10.77  ? 19  SER A C   1 
ATOM   164 O O   . SER A 1 23 ? 0.567   -6.525  3.581   1.00 10.92  ? 19  SER A O   1 
ATOM   165 C CB  . SER A 1 23 ? 3.268   -7.819  4.764   1.00 11.44  ? 19  SER A CB  1 
ATOM   166 O OG  . SER A 1 23 ? 4.473   -7.717  5.499   1.00 12.33  ? 19  SER A OG  1 
ATOM   167 N N   . PHE A 1 24 ? 1.976   -7.119  1.924   1.00 10.24  ? 20  PHE A N   1 
ATOM   168 C CA  . PHE A 1 24 ? 0.895   -7.376  0.983   1.00 10.01  ? 20  PHE A CA  1 
ATOM   169 C C   . PHE A 1 24 ? 1.294   -8.300  -0.159  1.00 10.36  ? 20  PHE A C   1 
ATOM   170 O O   . PHE A 1 24 ? 2.482   -8.555  -0.378  1.00 10.72  ? 20  PHE A O   1 
ATOM   171 C CB  . PHE A 1 24 ? 0.296   -6.063  0.446   1.00 9.73   ? 20  PHE A CB  1 
ATOM   172 C CG  . PHE A 1 24 ? 1.297   -5.122  -0.180  1.00 9.07   ? 20  PHE A CG  1 
ATOM   173 C CD1 . PHE A 1 24 ? 1.669   -5.264  -1.516  1.00 8.91   ? 20  PHE A CD1 1 
ATOM   174 C CD2 . PHE A 1 24 ? 1.826   -4.060  0.549   1.00 8.61   ? 20  PHE A CD2 1 
ATOM   175 C CE1 . PHE A 1 24 ? 2.572   -4.375  -2.107  1.00 9.45   ? 20  PHE A CE1 1 
ATOM   176 C CE2 . PHE A 1 24 ? 2.726   -3.168  -0.037  1.00 8.83   ? 20  PHE A CE2 1 
ATOM   177 C CZ  . PHE A 1 24 ? 3.098   -3.330  -1.367  1.00 9.13   ? 20  PHE A CZ  1 
ATOM   178 N N   A HIS A 1 25 ? 0.294   -8.811  -0.872  0.50 10.81  ? 21  HIS A N   1 
ATOM   179 N N   B HIS A 1 25 ? 0.290   -8.785  -0.883  0.50 10.41  ? 21  HIS A N   1 
ATOM   180 C CA  A HIS A 1 25 ? 0.533   -9.659  -2.038  0.50 11.22  ? 21  HIS A CA  1 
ATOM   181 C CA  B HIS A 1 25 ? 0.490   -9.677  -2.023  0.50 10.43  ? 21  HIS A CA  1 
ATOM   182 C C   A HIS A 1 25 ? 0.152   -8.922  -3.310  0.50 11.06  ? 21  HIS A C   1 
ATOM   183 C C   B HIS A 1 25 ? 0.056   -9.008  -3.323  0.50 10.56  ? 21  HIS A C   1 
ATOM   184 O O   A HIS A 1 25 ? -0.619  -7.964  -3.275  0.50 11.01  ? 21  HIS A O   1 
ATOM   185 O O   B HIS A 1 25 ? -0.852  -8.178  -3.321  0.50 10.32  ? 21  HIS A O   1 
ATOM   186 C CB  A HIS A 1 25 ? -0.268  -10.962 -1.960  0.50 11.63  ? 21  HIS A CB  1 
ATOM   187 C CB  B HIS A 1 25 ? -0.306  -10.968 -1.818  0.50 10.51  ? 21  HIS A CB  1 
ATOM   188 C CG  A HIS A 1 25 ? -0.733  -11.309 -0.582  0.50 13.33  ? 21  HIS A CG  1 
ATOM   189 C CG  B HIS A 1 25 ? -1.757  -10.741 -1.523  0.50 10.25  ? 21  HIS A CG  1 
ATOM   190 N ND1 A HIS A 1 25 ? 0.085   -11.904 0.354   0.50 14.43  ? 21  HIS A ND1 1 
ATOM   191 N ND1 B HIS A 1 25 ? -2.685  -10.477 -2.507  0.50 10.66  ? 21  HIS A ND1 1 
ATOM   192 C CD2 A HIS A 1 25 ? -1.933  -11.140 0.020   0.50 14.62  ? 21  HIS A CD2 1 
ATOM   193 C CD2 B HIS A 1 25 ? -2.437  -10.728 -0.353  0.50 10.84  ? 21  HIS A CD2 1 
ATOM   194 C CE1 A HIS A 1 25 ? -0.593  -12.087 1.472   0.50 14.18  ? 21  HIS A CE1 1 
ATOM   195 C CE1 B HIS A 1 25 ? -3.875  -10.319 -1.955  0.50 10.75  ? 21  HIS A CE1 1 
ATOM   196 N NE2 A HIS A 1 25 ? -1.820  -11.633 1.296   0.50 14.97  ? 21  HIS A NE2 1 
ATOM   197 N NE2 B HIS A 1 25 ? -3.751  -10.461 -0.650  0.50 10.94  ? 21  HIS A NE2 1 
ATOM   198 N N   . LYS A 1 26 ? 0.693   -9.385  -4.433  1.00 10.81  ? 22  LYS A N   1 
ATOM   199 C CA  . LYS A 1 26 ? 0.317   -8.879  -5.754  1.00 11.22  ? 22  LYS A CA  1 
ATOM   200 C C   . LYS A 1 26 ? -1.198  -8.976  -5.928  1.00 10.79  ? 22  LYS A C   1 
ATOM   201 O O   . LYS A 1 26 ? -1.803  -9.997  -5.576  1.00 11.40  ? 22  LYS A O   1 
ATOM   202 C CB  . LYS A 1 26 ? 1.025   -9.685  -6.851  1.00 11.22  ? 22  LYS A CB  1 
ATOM   203 C CG  . LYS A 1 26 ? 0.665   -9.250  -8.263  1.00 11.20  ? 22  LYS A CG  1 
ATOM   204 C CD  . LYS A 1 26 ? 1.314   -10.123 -9.319  1.00 12.04  ? 22  LYS A CD  1 
ATOM   205 C CE  . LYS A 1 26 ? 0.859   -9.714  -10.702 1.00 13.75  ? 22  LYS A CE  1 
ATOM   206 N NZ  . LYS A 1 26 ? 1.488   -10.560 -11.752 1.00 12.70  ? 22  LYS A NZ  1 
ATOM   207 N N   . GLY A 1 27 ? -1.810  -7.907  -6.434  1.00 10.80  ? 23  GLY A N   1 
ATOM   208 C CA  . GLY A 1 27 ? -3.252  -7.891  -6.663  1.00 10.48  ? 23  GLY A CA  1 
ATOM   209 C C   . GLY A 1 27 ? -4.073  -7.321  -5.519  1.00 10.30  ? 23  GLY A C   1 
ATOM   210 O O   . GLY A 1 27 ? -5.236  -6.976  -5.709  1.00 10.90  ? 23  GLY A O   1 
ATOM   211 N N   . GLU A 1 28 ? -3.486  -7.244  -4.328  1.00 10.05  ? 24  GLU A N   1 
ATOM   212 C CA  . GLU A 1 28 ? -4.173  -6.633  -3.185  1.00 9.94   ? 24  GLU A CA  1 
ATOM   213 C C   . GLU A 1 28 ? -4.493  -5.175  -3.522  1.00 10.05  ? 24  GLU A C   1 
ATOM   214 O O   . GLU A 1 28 ? -3.648  -4.459  -4.065  1.00 10.22  ? 24  GLU A O   1 
ATOM   215 C CB  . GLU A 1 28 ? -3.309  -6.723  -1.923  1.00 9.68   ? 24  GLU A CB  1 
ATOM   216 C CG  . GLU A 1 28 ? -4.029  -6.371  -0.621  1.00 9.98   ? 24  GLU A CG  1 
ATOM   217 C CD  . GLU A 1 28 ? -3.309  -6.906  0.613   1.00 10.10  ? 24  GLU A CD  1 
ATOM   218 O OE1 . GLU A 1 28 ? -2.436  -7.787  0.469   1.00 12.03  ? 24  GLU A OE1 1 
ATOM   219 O OE2 . GLU A 1 28 ? -3.628  -6.457  1.738   1.00 10.83  ? 24  GLU A OE2 1 
ATOM   220 N N   . LYS A 1 29 ? -5.715  -4.745  -3.208  1.00 9.94   ? 25  LYS A N   1 
ATOM   221 C CA  . LYS A 1 29 ? -6.134  -3.370  -3.468  1.00 10.15  ? 25  LYS A CA  1 
ATOM   222 C C   . LYS A 1 29 ? -6.047  -2.486  -2.230  1.00 9.72   ? 25  LYS A C   1 
ATOM   223 O O   . LYS A 1 29 ? -6.190  -2.959  -1.095  1.00 9.79   ? 25  LYS A O   1 
ATOM   224 C CB  . LYS A 1 29 ? -7.547  -3.330  -4.052  1.00 10.74  ? 25  LYS A CB  1 
ATOM   225 C CG  . LYS A 1 29 ? -7.673  -4.070  -5.367  1.00 12.75  ? 25  LYS A CG  1 
ATOM   226 C CD  . LYS A 1 29 ? -9.047  -3.858  -5.997  1.00 16.67  ? 25  LYS A CD  1 
ATOM   227 C CE  . LYS A 1 29 ? -9.187  -4.617  -7.312  1.00 18.91  ? 25  LYS A CE  1 
ATOM   228 N NZ  . LYS A 1 29 ? -8.116  -4.291  -8.297  1.00 21.91  ? 25  LYS A NZ  1 
ATOM   229 N N   . PHE A 1 30 ? -5.808  -1.198  -2.461  1.00 9.27   ? 26  PHE A N   1 
ATOM   230 C CA  . PHE A 1 30 ? -5.637  -0.233  -1.378  1.00 9.34   ? 26  PHE A CA  1 
ATOM   231 C C   . PHE A 1 30 ? -6.377  1.060   -1.633  1.00 9.72   ? 26  PHE A C   1 
ATOM   232 O O   . PHE A 1 30 ? -6.397  1.567   -2.753  1.00 9.79   ? 26  PHE A O   1 
ATOM   233 C CB  . PHE A 1 30 ? -4.157  0.104   -1.178  1.00 9.39   ? 26  PHE A CB  1 
ATOM   234 C CG  . PHE A 1 30 ? -3.320  -1.066  -0.792  1.00 9.04   ? 26  PHE A CG  1 
ATOM   235 C CD1 . PHE A 1 30 ? -3.141  -1.393  0.547   1.00 9.78   ? 26  PHE A CD1 1 
ATOM   236 C CD2 . PHE A 1 30 ? -2.699  -1.838  -1.772  1.00 10.63  ? 26  PHE A CD2 1 
ATOM   237 C CE1 . PHE A 1 30 ? -2.366  -2.485  0.910   1.00 9.67   ? 26  PHE A CE1 1 
ATOM   238 C CE2 . PHE A 1 30 ? -1.924  -2.931  -1.418  1.00 9.93   ? 26  PHE A CE2 1 
ATOM   239 C CZ  . PHE A 1 30 ? -1.757  -3.251  -0.077  1.00 10.18  ? 26  PHE A CZ  1 
ATOM   240 N N   . GLN A 1 31 ? -6.979  1.581   -0.568  1.00 9.50   ? 27  GLN A N   1 
ATOM   241 C CA  . GLN A 1 31 ? -7.428  2.958   -0.523  1.00 10.28  ? 27  GLN A CA  1 
ATOM   242 C C   . GLN A 1 31 ? -6.269  3.804   0.005   1.00 10.02  ? 27  GLN A C   1 
ATOM   243 O O   . GLN A 1 31 ? -5.748  3.542   1.094   1.00 10.42  ? 27  GLN A O   1 
ATOM   244 C CB  . GLN A 1 31 ? -8.630  3.067   0.408   1.00 10.03  ? 27  GLN A CB  1 
ATOM   245 C CG  . GLN A 1 31 ? -9.207  4.461   0.543   1.00 11.36  ? 27  GLN A CG  1 
ATOM   246 C CD  . GLN A 1 31 ? -10.355 4.506   1.532   1.00 12.88  ? 27  GLN A CD  1 
ATOM   247 O OE1 . GLN A 1 31 ? -10.559 3.572   2.311   1.00 14.07  ? 27  GLN A OE1 1 
ATOM   248 N NE2 . GLN A 1 31 ? -11.116 5.592   1.503   1.00 14.10  ? 27  GLN A NE2 1 
ATOM   249 N N   . ILE A 1 32 ? -5.845  4.794   -0.776  1.00 10.43  ? 28  ILE A N   1 
ATOM   250 C CA  . ILE A 1 32 ? -4.740  5.653   -0.359  1.00 10.93  ? 28  ILE A CA  1 
ATOM   251 C C   . ILE A 1 32 ? -5.262  6.776   0.527   1.00 11.56  ? 28  ILE A C   1 
ATOM   252 O O   . ILE A 1 32 ? -6.139  7.544   0.114   1.00 12.19  ? 28  ILE A O   1 
ATOM   253 C CB  . ILE A 1 32 ? -3.962  6.245   -1.567  1.00 10.80  ? 28  ILE A CB  1 
ATOM   254 C CG1 . ILE A 1 32 ? -3.582  5.144   -2.574  1.00 10.17  ? 28  ILE A CG1 1 
ATOM   255 C CG2 . ILE A 1 32 ? -2.743  7.038   -1.090  1.00 10.64  ? 28  ILE A CG2 1 
ATOM   256 C CD1 . ILE A 1 32 ? -2.782  3.954   -1.990  1.00 9.84   ? 28  ILE A CD1 1 
ATOM   257 N N   . LEU A 1 33 ? -4.715  6.863   1.738   1.00 11.95  ? 29  LEU A N   1 
ATOM   258 C CA  . LEU A 1 33 ? -5.139  7.869   2.716   1.00 12.59  ? 29  LEU A CA  1 
ATOM   259 C C   . LEU A 1 33 ? -4.274  9.121   2.681   1.00 12.66  ? 29  LEU A C   1 
ATOM   260 O O   . LEU A 1 33 ? -4.785  10.238  2.789   1.00 12.76  ? 29  LEU A O   1 
ATOM   261 C CB  . LEU A 1 33 ? -5.131  7.278   4.126   1.00 12.71  ? 29  LEU A CB  1 
ATOM   262 C CG  . LEU A 1 33 ? -5.955  6.007   4.346   1.00 13.39  ? 29  LEU A CG  1 
ATOM   263 C CD1 . LEU A 1 33 ? -5.610  5.393   5.687   1.00 14.48  ? 29  LEU A CD1 1 
ATOM   264 C CD2 . LEU A 1 33 ? -7.449  6.300   4.242   1.00 15.80  ? 29  LEU A CD2 1 
ATOM   265 N N   . ASN A 1 34 ? -2.963  8.935   2.547   1.00 12.92  ? 30  ASN A N   1 
ATOM   266 C CA  . ASN A 1 34 ? -2.034  10.055  2.476   1.00 13.52  ? 30  ASN A CA  1 
ATOM   267 C C   . ASN A 1 34 ? -0.848  9.750   1.577   1.00 13.79  ? 30  ASN A C   1 
ATOM   268 O O   . ASN A 1 34 ? -0.258  8.673   1.654   1.00 13.63  ? 30  ASN A O   1 
ATOM   269 C CB  . ASN A 1 34 ? -1.556  10.473  3.869   1.00 13.59  ? 30  ASN A CB  1 
ATOM   270 C CG  . ASN A 1 34 ? -1.030  11.896  3.902   1.00 14.41  ? 30  ASN A CG  1 
ATOM   271 O OD1 . ASN A 1 34 ? 0.100   12.170  3.486   1.00 14.83  ? 30  ASN A OD1 1 
ATOM   272 N ND2 . ASN A 1 34 ? -1.852  12.814  4.397   1.00 13.91  ? 30  ASN A ND2 1 
ATOM   273 N N   . SER A 1 35 ? -0.505  10.706  0.725   1.00 14.23  ? 31  SER A N   1 
ATOM   274 C CA  . SER A 1 35 ? 0.635   10.561  -0.176  1.00 15.07  ? 31  SER A CA  1 
ATOM   275 C C   . SER A 1 35 ? 1.627   11.718  -0.034  1.00 15.56  ? 31  SER A C   1 
ATOM   276 O O   . SER A 1 35 ? 2.531   11.876  -0.865  1.00 15.94  ? 31  SER A O   1 
ATOM   277 C CB  . SER A 1 35 ? 0.139   10.454  -1.622  1.00 15.12  ? 31  SER A CB  1 
ATOM   278 O OG  . SER A 1 35 ? -0.755  11.512  -1.933  1.00 16.00  ? 31  SER A OG  1 
ATOM   279 N N   A SER A 1 36 ? 1.468   12.515  1.022   0.50 15.75  ? 32  SER A N   1 
ATOM   280 N N   B SER A 1 36 ? 1.455   12.505  1.027   0.50 15.81  ? 32  SER A N   1 
ATOM   281 C CA  A SER A 1 36 ? 2.256   13.738  1.199   0.50 15.94  ? 32  SER A CA  1 
ATOM   282 C CA  B SER A 1 36 ? 2.220   13.733  1.243   0.50 16.08  ? 32  SER A CA  1 
ATOM   283 C C   A SER A 1 36 ? 3.548   13.548  2.004   0.50 16.05  ? 32  SER A C   1 
ATOM   284 C C   B SER A 1 36 ? 3.443   13.549  2.148   0.50 16.09  ? 32  SER A C   1 
ATOM   285 O O   A SER A 1 36 ? 4.254   14.520  2.297   0.50 16.30  ? 32  SER A O   1 
ATOM   286 O O   B SER A 1 36 ? 4.003   14.528  2.655   0.50 16.27  ? 32  SER A O   1 
ATOM   287 C CB  A SER A 1 36 ? 1.390   14.840  1.828   0.50 15.98  ? 32  SER A CB  1 
ATOM   288 C CB  B SER A 1 36 ? 1.305   14.828  1.812   0.50 16.12  ? 32  SER A CB  1 
ATOM   289 O OG  A SER A 1 36 ? 1.226   14.634  3.221   0.50 15.66  ? 32  SER A OG  1 
ATOM   290 O OG  B SER A 1 36 ? 0.196   15.073  0.964   0.50 16.49  ? 32  SER A OG  1 
ATOM   291 N N   . GLU A 1 37 ? 3.858   12.300  2.349   1.00 15.96  ? 33  GLU A N   1 
ATOM   292 C CA  . GLU A 1 37 ? 4.983   11.995  3.236   1.00 16.04  ? 33  GLU A CA  1 
ATOM   293 C C   . GLU A 1 37 ? 6.106   11.221  2.545   1.00 15.59  ? 33  GLU A C   1 
ATOM   294 O O   . GLU A 1 37 ? 6.864   10.493  3.191   1.00 16.25  ? 33  GLU A O   1 
ATOM   295 C CB  . GLU A 1 37 ? 4.489   11.244  4.469   1.00 16.27  ? 33  GLU A CB  1 
ATOM   296 C CG  . GLU A 1 37 ? 3.453   12.021  5.273   1.00 16.71  ? 33  GLU A CG  1 
ATOM   297 C CD  . GLU A 1 37 ? 2.746   11.180  6.308   1.00 18.31  ? 33  GLU A CD  1 
ATOM   298 O OE1 . GLU A 1 37 ? 3.168   10.034  6.549   1.00 19.26  ? 33  GLU A OE1 1 
ATOM   299 O OE2 . GLU A 1 37 ? 1.760   11.677  6.889   1.00 18.69  ? 33  GLU A OE2 1 
ATOM   300 N N   . GLY A 1 38 ? 6.220   11.408  1.236   1.00 14.99  ? 34  GLY A N   1 
ATOM   301 C CA  . GLY A 1 38 ? 7.268   10.763  0.452   1.00 13.94  ? 34  GLY A CA  1 
ATOM   302 C C   . GLY A 1 38 ? 6.773   9.556   -0.320  1.00 13.16  ? 34  GLY A C   1 
ATOM   303 O O   . GLY A 1 38 ? 5.571   9.404   -0.561  1.00 13.41  ? 34  GLY A O   1 
ATOM   304 N N   . ASP A 1 39 ? 7.714   8.687   -0.685  1.00 12.25  ? 35  ASP A N   1 
ATOM   305 C CA  . ASP A 1 39 ? 7.450   7.539   -1.560  1.00 11.69  ? 35  ASP A CA  1 
ATOM   306 C C   . ASP A 1 39 ? 6.569   6.459   -0.943  1.00 11.01  ? 35  ASP A C   1 
ATOM   307 O O   . ASP A 1 39 ? 5.927   5.708   -1.665  1.00 10.17  ? 35  ASP A O   1 
ATOM   308 C CB  . ASP A 1 39 ? 8.767   6.892   -1.990  1.00 12.37  ? 35  ASP A CB  1 
ATOM   309 C CG  . ASP A 1 39 ? 9.525   7.706   -3.013  1.00 14.03  ? 35  ASP A CG  1 
ATOM   310 O OD1 . ASP A 1 39 ? 10.627  7.251   -3.387  1.00 14.48  ? 35  ASP A OD1 1 
ATOM   311 O OD2 . ASP A 1 39 ? 9.037   8.776   -3.451  1.00 15.51  ? 35  ASP A OD2 1 
ATOM   312 N N   . TRP A 1 40 ? 6.578   6.351   0.384   1.00 10.40  ? 36  TRP A N   1 
ATOM   313 C CA  . TRP A 1 40 ? 5.721   5.393   1.079   1.00 10.17  ? 36  TRP A CA  1 
ATOM   314 C C   . TRP A 1 40 ? 4.415   6.078   1.456   1.00 10.34  ? 36  TRP A C   1 
ATOM   315 O O   . TRP A 1 40 ? 4.401   7.024   2.257   1.00 10.87  ? 36  TRP A O   1 
ATOM   316 C CB  . TRP A 1 40 ? 6.413   4.837   2.329   1.00 10.25  ? 36  TRP A CB  1 
ATOM   317 C CG  . TRP A 1 40 ? 7.088   3.484   2.181   1.00 10.53  ? 36  TRP A CG  1 
ATOM   318 C CD1 . TRP A 1 40 ? 6.788   2.351   2.882   1.00 10.12  ? 36  TRP A CD1 1 
ATOM   319 C CD2 . TRP A 1 40 ? 8.182   3.141   1.312   1.00 10.27  ? 36  TRP A CD2 1 
ATOM   320 N NE1 . TRP A 1 40 ? 7.626   1.323   2.513   1.00 9.77   ? 36  TRP A NE1 1 
ATOM   321 C CE2 . TRP A 1 40 ? 8.486   1.779   1.546   1.00 10.88  ? 36  TRP A CE2 1 
ATOM   322 C CE3 . TRP A 1 40 ? 8.935   3.850   0.362   1.00 10.46  ? 36  TRP A CE3 1 
ATOM   323 C CZ2 . TRP A 1 40 ? 9.509   1.111   0.865   1.00 10.56  ? 36  TRP A CZ2 1 
ATOM   324 C CZ3 . TRP A 1 40 ? 9.951   3.180   -0.322  1.00 10.33  ? 36  TRP A CZ3 1 
ATOM   325 C CH2 . TRP A 1 40 ? 10.225  1.822   -0.061  1.00 10.10  ? 36  TRP A CH2 1 
ATOM   326 N N   . TRP A 1 41 ? 3.334   5.611   0.838   1.00 9.41   ? 37  TRP A N   1 
ATOM   327 C CA  . TRP A 1 41 ? 1.997   6.148   1.067   1.00 9.45   ? 37  TRP A CA  1 
ATOM   328 C C   . TRP A 1 41 ? 1.315   5.468   2.244   1.00 9.39   ? 37  TRP A C   1 
ATOM   329 O O   . TRP A 1 41 ? 1.472   4.263   2.471   1.00 8.81   ? 37  TRP A O   1 
ATOM   330 C CB  . TRP A 1 41 ? 1.130   5.962   -0.180  1.00 9.73   ? 37  TRP A CB  1 
ATOM   331 C CG  . TRP A 1 41 ? 1.560   6.748   -1.384  1.00 9.34   ? 37  TRP A CG  1 
ATOM   332 C CD1 . TRP A 1 41 ? 2.512   7.730   -1.437  1.00 9.62   ? 37  TRP A CD1 1 
ATOM   333 C CD2 . TRP A 1 41 ? 1.015   6.644   -2.704  1.00 9.02   ? 37  TRP A CD2 1 
ATOM   334 N NE1 . TRP A 1 41 ? 2.603   8.230   -2.717  1.00 9.85   ? 37  TRP A NE1 1 
ATOM   335 C CE2 . TRP A 1 41 ? 1.689   7.589   -3.511  1.00 8.86   ? 37  TRP A CE2 1 
ATOM   336 C CE3 . TRP A 1 41 ? 0.022   5.843   -3.284  1.00 8.72   ? 37  TRP A CE3 1 
ATOM   337 C CZ2 . TRP A 1 41 ? 1.416   7.738   -4.875  1.00 9.95   ? 37  TRP A CZ2 1 
ATOM   338 C CZ3 . TRP A 1 41 ? -0.255  5.996   -4.636  1.00 9.60   ? 37  TRP A CZ3 1 
ATOM   339 C CH2 . TRP A 1 41 ? 0.439   6.938   -5.415  1.00 9.56   ? 37  TRP A CH2 1 
ATOM   340 N N   . GLU A 1 42 ? 0.540   6.249   2.991   1.00 9.31   ? 38  GLU A N   1 
ATOM   341 C CA  . GLU A 1 42 ? -0.303  5.694   4.031   1.00 10.07  ? 38  GLU A CA  1 
ATOM   342 C C   . GLU A 1 42 ? -1.577  5.206   3.362   1.00 9.72   ? 38  GLU A C   1 
ATOM   343 O O   . GLU A 1 42 ? -2.201  5.938   2.591   1.00 9.55   ? 38  GLU A O   1 
ATOM   344 C CB  . GLU A 1 42 ? -0.620  6.744   5.088   1.00 10.26  ? 38  GLU A CB  1 
ATOM   345 C CG  . GLU A 1 42 ? -1.209  6.153   6.365   1.00 10.53  ? 38  GLU A CG  1 
ATOM   346 C CD  . GLU A 1 42 ? -1.534  7.205   7.415   1.00 11.27  ? 38  GLU A CD  1 
ATOM   347 O OE1 . GLU A 1 42 ? -1.638  8.402   7.068   1.00 12.86  ? 38  GLU A OE1 1 
ATOM   348 O OE2 . GLU A 1 42 ? -1.699  6.824   8.591   1.00 13.86  ? 38  GLU A OE2 1 
ATOM   349 N N   . ALA A 1 43 ? -1.953  3.965   3.649   1.00 9.91   ? 39  ALA A N   1 
ATOM   350 C CA  . ALA A 1 43 ? -3.048  3.329   2.937   1.00 10.06  ? 39  ALA A CA  1 
ATOM   351 C C   . ALA A 1 43 ? -3.815  2.341   3.796   1.00 10.23  ? 39  ALA A C   1 
ATOM   352 O O   . ALA A 1 43 ? -3.359  1.936   4.872   1.00 10.33  ? 39  ALA A O   1 
ATOM   353 C CB  . ALA A 1 43 ? -2.531  2.640   1.667   1.00 10.59  ? 39  ALA A CB  1 
ATOM   354 N N   . ARG A 1 44 ? -4.987  1.955   3.304   1.00 10.57  ? 40  ARG A N   1 
ATOM   355 C CA  . ARG A 1 44 ? -5.779  0.926   3.944   1.00 10.71  ? 40  ARG A CA  1 
ATOM   356 C C   . ARG A 1 44 ? -6.007  -0.232  2.972   1.00 10.55  ? 40  ARG A C   1 
ATOM   357 O O   . ARG A 1 44 ? -6.463  -0.028  1.843   1.00 10.05  ? 40  ARG A O   1 
ATOM   358 C CB  . ARG A 1 44 ? -7.106  1.510   4.423   1.00 11.31  ? 40  ARG A CB  1 
ATOM   359 C CG  . ARG A 1 44 ? -7.751  0.696   5.491   1.00 12.91  ? 40  ARG A CG  1 
ATOM   360 C CD  . ARG A 1 44 ? -8.898  1.454   6.110   1.00 15.74  ? 40  ARG A CD  1 
ATOM   361 N NE  . ARG A 1 44 ? -9.654  0.556   6.962   1.00 17.20  ? 40  ARG A NE  1 
ATOM   362 C CZ  . ARG A 1 44 ? -10.961 0.635   7.172   1.00 18.06  ? 40  ARG A CZ  1 
ATOM   363 N NH1 . ARG A 1 44 ? -11.685 1.584   6.582   1.00 16.88  ? 40  ARG A NH1 1 
ATOM   364 N NH2 . ARG A 1 44 ? -11.541 -0.250  7.970   1.00 18.88  ? 40  ARG A NH2 1 
ATOM   365 N N   . SER A 1 45 ? -5.671  -1.441  3.415   1.00 10.60  ? 41  SER A N   1 
ATOM   366 C CA  . SER A 1 45 ? -5.867  -2.641  2.606   1.00 10.94  ? 41  SER A CA  1 
ATOM   367 C C   . SER A 1 45 ? -7.340  -2.998  2.508   1.00 11.17  ? 41  SER A C   1 
ATOM   368 O O   . SER A 1 45 ? -8.023  -3.102  3.520   1.00 11.30  ? 41  SER A O   1 
ATOM   369 C CB  . SER A 1 45 ? -5.104  -3.826  3.201   1.00 11.09  ? 41  SER A CB  1 
ATOM   370 O OG  . SER A 1 45 ? -5.565  -5.044  2.642   1.00 10.04  ? 41  SER A OG  1 
ATOM   371 N N   . LEU A 1 46 ? -7.815  -3.211  1.284   1.00 11.79  ? 42  LEU A N   1 
ATOM   372 C CA  . LEU A 1 46 ? -9.193  -3.641  1.080   1.00 12.49  ? 42  LEU A CA  1 
ATOM   373 C C   . LEU A 1 46 ? -9.354  -5.145  1.288   1.00 12.72  ? 42  LEU A C   1 
ATOM   374 O O   . LEU A 1 46 ? -10.450 -5.681  1.134   1.00 12.70  ? 42  LEU A O   1 
ATOM   375 C CB  . LEU A 1 46 ? -9.711  -3.220  -0.301  1.00 13.22  ? 42  LEU A CB  1 
ATOM   376 C CG  . LEU A 1 46 ? -9.735  -1.719  -0.602  1.00 14.46  ? 42  LEU A CG  1 
ATOM   377 C CD1 . LEU A 1 46 ? -10.506 -1.464  -1.891  1.00 16.92  ? 42  LEU A CD1 1 
ATOM   378 C CD2 . LEU A 1 46 ? -10.327 -0.905  0.543   1.00 17.09  ? 42  LEU A CD2 1 
ATOM   379 N N   . THR A 1 47 ? -8.255  -5.821  1.620   1.00 13.02  ? 43  THR A N   1 
ATOM   380 C CA  . THR A 1 47 ? -8.294  -7.231  1.992   1.00 13.57  ? 43  THR A CA  1 
ATOM   381 C C   . THR A 1 47 ? -8.383  -7.384  3.509   1.00 13.72  ? 43  THR A C   1 
ATOM   382 O O   . THR A 1 47 ? -9.254  -8.100  4.010   1.00 14.11  ? 43  THR A O   1 
ATOM   383 C CB  . THR A 1 47 ? -7.074  -7.999  1.418   1.00 13.67  ? 43  THR A CB  1 
ATOM   384 O OG1 . THR A 1 47 ? -7.169  -8.019  -0.009  1.00 13.93  ? 43  THR A OG1 1 
ATOM   385 C CG2 . THR A 1 47 ? -7.019  -9.450  1.929   1.00 14.47  ? 43  THR A CG2 1 
ATOM   386 N N   . THR A 1 48 ? -7.501  -6.693  4.230   1.00 13.62  ? 44  THR A N   1 
ATOM   387 C CA  . THR A 1 48 ? -7.375  -6.866  5.685   1.00 13.81  ? 44  THR A CA  1 
ATOM   388 C C   . THR A 1 48 ? -8.074  -5.781  6.507   1.00 13.80  ? 44  THR A C   1 
ATOM   389 O O   . THR A 1 48 ? -8.411  -6.007  7.674   1.00 14.12  ? 44  THR A O   1 
ATOM   390 C CB  . THR A 1 48 ? -5.890  -6.917  6.127   1.00 13.98  ? 44  THR A CB  1 
ATOM   391 O OG1 . THR A 1 48 ? -5.290  -5.631  5.928   1.00 13.27  ? 44  THR A OG1 1 
ATOM   392 C CG2 . THR A 1 48 ? -5.107  -7.971  5.354   1.00 14.34  ? 44  THR A CG2 1 
ATOM   393 N N   . GLY A 1 49 ? -8.271  -4.609  5.906   1.00 13.30  ? 45  GLY A N   1 
ATOM   394 C CA  . GLY A 1 49 ? -8.770  -3.436  6.628   1.00 13.17  ? 45  GLY A CA  1 
ATOM   395 C C   . GLY A 1 49 ? -7.713  -2.670  7.408   1.00 13.18  ? 45  GLY A C   1 
ATOM   396 O O   . GLY A 1 49 ? -8.004  -1.620  7.990   1.00 13.45  ? 45  GLY A O   1 
ATOM   397 N N   . GLU A 1 50 ? -6.481  -3.181  7.410   1.00 13.27  ? 46  GLU A N   1 
ATOM   398 C CA  . GLU A 1 50 ? -5.384  -2.571  8.158   1.00 13.50  ? 46  GLU A CA  1 
ATOM   399 C C   . GLU A 1 50 ? -4.871  -1.296  7.493   1.00 13.13  ? 46  GLU A C   1 
ATOM   400 O O   . GLU A 1 50 ? -4.884  -1.181  6.271   1.00 12.92  ? 46  GLU A O   1 
ATOM   401 C CB  . GLU A 1 50 ? -4.240  -3.571  8.358   1.00 14.13  ? 46  GLU A CB  1 
ATOM   402 C CG  . GLU A 1 50 ? -4.573  -4.740  9.288   1.00 17.16  ? 46  GLU A CG  1 
ATOM   403 C CD  . GLU A 1 50 ? -4.931  -4.308  10.705  1.00 20.39  ? 46  GLU A CD  1 
ATOM   404 O OE1 . GLU A 1 50 ? -4.235  -3.439  11.278  1.00 23.19  ? 46  GLU A OE1 1 
ATOM   405 O OE2 . GLU A 1 50 ? -5.913  -4.850  11.252  1.00 23.17  ? 46  GLU A OE2 1 
ATOM   406 N N   . THR A 1 51 ? -4.439  -0.348  8.319   1.00 12.61  ? 47  THR A N   1 
ATOM   407 C CA  . THR A 1 51 ? -3.855  0.910   7.868   1.00 12.76  ? 47  THR A CA  1 
ATOM   408 C C   . THR A 1 51 ? -2.356  0.884   8.123   1.00 12.01  ? 47  THR A C   1 
ATOM   409 O O   . THR A 1 51 ? -1.901  0.452   9.180   1.00 12.42  ? 47  THR A O   1 
ATOM   410 C CB  . THR A 1 51 ? -4.491  2.116   8.603   1.00 12.80  ? 47  THR A CB  1 
ATOM   411 O OG1 . THR A 1 51 ? -5.902  2.132   8.354   1.00 14.61  ? 47  THR A OG1 1 
ATOM   412 C CG2 . THR A 1 51 ? -3.899  3.442   8.125   1.00 14.07  ? 47  THR A CG2 1 
ATOM   413 N N   . GLY A 1 52 ? -1.588  1.339   7.143   1.00 11.31  ? 48  GLY A N   1 
ATOM   414 C CA  . GLY A 1 52 ? -0.151  1.419   7.306   1.00 10.69  ? 48  GLY A CA  1 
ATOM   415 C C   . GLY A 1 52 ? 0.479   1.963   6.050   1.00 10.18  ? 48  GLY A C   1 
ATOM   416 O O   . GLY A 1 52 ? -0.213  2.459   5.159   1.00 10.09  ? 48  GLY A O   1 
ATOM   417 N N   . TYR A 1 53 ? 1.801   1.861   5.988   1.00 9.80   ? 49  TYR A N   1 
ATOM   418 C CA  . TYR A 1 53 ? 2.559   2.440   4.886   1.00 9.64   ? 49  TYR A CA  1 
ATOM   419 C C   . TYR A 1 53 ? 3.005   1.408   3.868   1.00 9.32   ? 49  TYR A C   1 
ATOM   420 O O   . TYR A 1 53 ? 3.382   0.292   4.218   1.00 9.11   ? 49  TYR A O   1 
ATOM   421 C CB  . TYR A 1 53 ? 3.761   3.217   5.427   1.00 10.60  ? 49  TYR A CB  1 
ATOM   422 C CG  . TYR A 1 53 ? 3.352   4.524   6.059   1.00 11.07  ? 49  TYR A CG  1 
ATOM   423 C CD1 . TYR A 1 53 ? 3.389   5.709   5.329   1.00 11.41  ? 49  TYR A CD1 1 
ATOM   424 C CD2 . TYR A 1 53 ? 2.894   4.571   7.375   1.00 12.14  ? 49  TYR A CD2 1 
ATOM   425 C CE1 . TYR A 1 53 ? 3.004   6.913   5.904   1.00 11.75  ? 49  TYR A CE1 1 
ATOM   426 C CE2 . TYR A 1 53 ? 2.507   5.768   7.957   1.00 11.52  ? 49  TYR A CE2 1 
ATOM   427 C CZ  . TYR A 1 53 ? 2.566   6.934   7.218   1.00 12.09  ? 49  TYR A CZ  1 
ATOM   428 O OH  . TYR A 1 53 ? 2.183   8.126   7.785   1.00 14.35  ? 49  TYR A OH  1 
ATOM   429 N N   . ILE A 1 54 ? 2.958   1.807   2.602   1.00 8.63   ? 50  ILE A N   1 
ATOM   430 C CA  . ILE A 1 54 ? 3.302   0.925   1.494   1.00 8.74   ? 50  ILE A CA  1 
ATOM   431 C C   . ILE A 1 54 ? 4.070   1.702   0.425   1.00 8.67   ? 50  ILE A C   1 
ATOM   432 O O   . ILE A 1 54 ? 3.796   2.885   0.195   1.00 8.51   ? 50  ILE A O   1 
ATOM   433 C CB  . ILE A 1 54 ? 2.046   0.252   0.875   1.00 8.70   ? 50  ILE A CB  1 
ATOM   434 C CG1 . ILE A 1 54 ? 1.052   1.284   0.332   1.00 8.20   ? 50  ILE A CG1 1 
ATOM   435 C CG2 . ILE A 1 54 ? 1.350   -0.658  1.905   1.00 9.21   ? 50  ILE A CG2 1 
ATOM   436 C CD1 . ILE A 1 54 ? -0.202  0.663   -0.267  1.00 8.91   ? 50  ILE A CD1 1 
ATOM   437 N N   . PRO A 1 55 ? 5.060   1.052   -0.210  1.00 8.62   ? 51  PRO A N   1 
ATOM   438 C CA  . PRO A 1 55 ? 5.823   1.736   -1.257  1.00 8.58   ? 51  PRO A CA  1 
ATOM   439 C C   . PRO A 1 55 ? 4.985   2.012   -2.504  1.00 8.56   ? 51  PRO A C   1 
ATOM   440 O O   . PRO A 1 55 ? 4.479   1.084   -3.148  1.00 8.07   ? 51  PRO A O   1 
ATOM   441 C CB  . PRO A 1 55 ? 6.967   0.757   -1.570  1.00 8.78   ? 51  PRO A CB  1 
ATOM   442 C CG  . PRO A 1 55 ? 6.493   -0.561  -1.093  1.00 8.78   ? 51  PRO A CG  1 
ATOM   443 C CD  . PRO A 1 55 ? 5.552   -0.316  0.045   1.00 9.03   ? 51  PRO A CD  1 
ATOM   444 N N   . SER A 1 56 ? 4.849   3.289   -2.847  1.00 8.97   ? 52  SER A N   1 
ATOM   445 C CA  . SER A 1 56 ? 4.065   3.682   -4.006  1.00 9.29   ? 52  SER A CA  1 
ATOM   446 C C   . SER A 1 56 ? 4.519   3.016   -5.304  1.00 9.39   ? 52  SER A C   1 
ATOM   447 O O   . SER A 1 56 ? 3.691   2.705   -6.153  1.00 9.90   ? 52  SER A O   1 
ATOM   448 C CB  . SER A 1 56 ? 4.064   5.201   -4.169  1.00 9.54   ? 52  SER A CB  1 
ATOM   449 O OG  . SER A 1 56 ? 5.385   5.687   -4.274  1.00 10.28  ? 52  SER A OG  1 
ATOM   450 N N   . ILE A 1 57 ? 5.826   2.789   -5.449  1.00 9.81   ? 53  ILE A N   1 
ATOM   451 C CA  . ILE A 1 57 ? 6.337   2.174   -6.674  1.00 10.51  ? 53  ILE A CA  1 
ATOM   452 C C   . ILE A 1 57 ? 5.840   0.733   -6.862  1.00 10.34  ? 53  ILE A C   1 
ATOM   453 O O   . ILE A 1 57 ? 5.849   0.206   -7.979  1.00 11.18  ? 53  ILE A O   1 
ATOM   454 C CB  . ILE A 1 57 ? 7.879   2.221   -6.756  1.00 10.82  ? 53  ILE A CB  1 
ATOM   455 C CG1 . ILE A 1 57 ? 8.325   1.903   -8.186  1.00 11.86  ? 53  ILE A CG1 1 
ATOM   456 C CG2 . ILE A 1 57 ? 8.510   1.267   -5.741  1.00 12.05  ? 53  ILE A CG2 1 
ATOM   457 C CD1 . ILE A 1 57 ? 9.757   2.227   -8.477  1.00 14.11  ? 53  ILE A CD1 1 
ATOM   458 N N   . TYR A 1 58 ? 5.404   0.105   -5.771  1.00 9.73   ? 54  TYR A N   1 
ATOM   459 C CA  . TYR A 1 58 ? 4.884   -1.263  -5.833  1.00 9.19   ? 54  TYR A CA  1 
ATOM   460 C C   . TYR A 1 58 ? 3.432   -1.312  -6.306  1.00 9.23   ? 54  TYR A C   1 
ATOM   461 O O   . TYR A 1 58 ? 2.861   -2.392  -6.447  1.00 9.52   ? 54  TYR A O   1 
ATOM   462 C CB  . TYR A 1 58 ? 4.987   -1.942  -4.461  1.00 9.25   ? 54  TYR A CB  1 
ATOM   463 C CG  . TYR A 1 58 ? 6.319   -2.594  -4.167  1.00 8.66   ? 54  TYR A CG  1 
ATOM   464 C CD1 . TYR A 1 58 ? 7.491   -1.837  -4.095  1.00 8.70   ? 54  TYR A CD1 1 
ATOM   465 C CD2 . TYR A 1 58 ? 6.402   -3.967  -3.935  1.00 8.14   ? 54  TYR A CD2 1 
ATOM   466 C CE1 . TYR A 1 58 ? 8.723   -2.442  -3.810  1.00 8.53   ? 54  TYR A CE1 1 
ATOM   467 C CE2 . TYR A 1 58 ? 7.625   -4.577  -3.647  1.00 9.37   ? 54  TYR A CE2 1 
ATOM   468 C CZ  . TYR A 1 58 ? 8.775   -3.807  -3.589  1.00 9.39   ? 54  TYR A CZ  1 
ATOM   469 O OH  . TYR A 1 58 ? 9.984   -4.413  -3.317  1.00 9.75   ? 54  TYR A OH  1 
ATOM   470 N N   . LEU A 1 59 ? 2.836   -0.140  -6.531  1.00 9.17   ? 55  LEU A N   1 
ATOM   471 C CA  . LEU A 1 59 ? 1.408   -0.044  -6.830  1.00 9.20   ? 55  LEU A CA  1 
ATOM   472 C C   . LEU A 1 59 ? 1.134   0.544   -8.202  1.00 9.48   ? 55  LEU A C   1 
ATOM   473 O O   . LEU A 1 59 ? 1.976   1.244   -8.766  1.00 9.52   ? 55  LEU A O   1 
ATOM   474 C CB  . LEU A 1 59 ? 0.708   0.842   -5.796  1.00 9.24   ? 55  LEU A CB  1 
ATOM   475 C CG  . LEU A 1 59 ? 1.079   0.686   -4.323  1.00 8.85   ? 55  LEU A CG  1 
ATOM   476 C CD1 . LEU A 1 59 ? 0.400   1.786   -3.511  1.00 8.92   ? 55  LEU A CD1 1 
ATOM   477 C CD2 . LEU A 1 59 ? 0.700   -0.699  -3.807  1.00 8.66   ? 55  LEU A CD2 1 
ATOM   478 N N   . ALA A 1 60 ? -0.059  0.271   -8.715  1.00 10.04  ? 56  ALA A N   1 
ATOM   479 C CA  . ALA A 1 60 ? -0.558  0.922   -9.921  1.00 10.68  ? 56  ALA A CA  1 
ATOM   480 C C   . ALA A 1 60 ? -2.044  1.226   -9.759  1.00 11.35  ? 56  ALA A C   1 
ATOM   481 O O   . ALA A 1 60 ? -2.740  0.552   -8.997  1.00 11.29  ? 56  ALA A O   1 
ATOM   482 C CB  . ALA A 1 60 ? -0.319  0.039   -11.145 1.00 10.80  ? 56  ALA A CB  1 
ATOM   483 N N   . PRO A 1 61 ? -2.541  2.258   -10.463 1.00 12.22  ? 57  PRO A N   1 
ATOM   484 C CA  . PRO A 1 61 ? -3.972  2.556   -10.368 1.00 13.31  ? 57  PRO A CA  1 
ATOM   485 C C   . PRO A 1 61 ? -4.860  1.405   -10.849 1.00 14.57  ? 57  PRO A C   1 
ATOM   486 O O   . PRO A 1 61 ? -4.517  0.717   -11.817 1.00 15.09  ? 57  PRO A O   1 
ATOM   487 C CB  . PRO A 1 61 ? -4.146  3.766   -11.295 1.00 13.03  ? 57  PRO A CB  1 
ATOM   488 C CG  . PRO A 1 61 ? -2.793  4.348   -11.437 1.00 13.25  ? 57  PRO A CG  1 
ATOM   489 C CD  . PRO A 1 61 ? -1.834  3.202   -11.344 1.00 12.11  ? 57  PRO A CD  1 
ATOM   490 N N   . VAL A 1 62 ? -5.982  1.233   -10.144 1.00 16.36  ? 58  VAL A N   1 
ATOM   491 C CA  . VAL A 1 62 ? -7.097  0.285   -10.417 1.00 18.09  ? 58  VAL A CA  1 
ATOM   492 C C   . VAL A 1 62 ? -6.859  -1.124  -9.887  1.00 18.86  ? 58  VAL A C   1 
ATOM   493 O O   . VAL A 1 62 ? -7.235  -1.421  -8.751  1.00 19.97  ? 58  VAL A O   1 
ATOM   494 C CB  . VAL A 1 62 ? -7.670  0.293   -11.893 1.00 18.49  ? 58  VAL A CB  1 
ATOM   495 C CG1 . VAL A 1 62 ? -7.665  1.697   -12.487 1.00 19.04  ? 58  VAL A CG1 1 
ATOM   496 C CG2 . VAL A 1 62 ? -6.965  -0.716  -12.805 1.00 19.28  ? 58  VAL A CG2 1 
HETATM 497 O O   . HOH B 2 .  ? -4.502  11.771  5.009   1.00 12.43  ? 76  HOH A O   1 
HETATM 498 O O   . HOH B 2 .  ? 12.502  -3.756  -4.530  1.00 14.65  ? 77  HOH A O   1 
HETATM 499 O O   . HOH B 2 .  ? -3.094  8.162   10.383  1.00 15.51  ? 78  HOH A O   1 
HETATM 500 O O   . HOH B 2 .  ? -7.570  5.550   -2.932  1.00 20.62  ? 79  HOH A O   1 
HETATM 501 O O   . HOH B 2 .  ? 1.414   -13.259 -4.920  1.00 13.43  ? 80  HOH A O   1 
HETATM 502 O O   . HOH B 2 .  ? 3.513   9.613   1.415   1.00 14.61  ? 81  HOH A O   1 
HETATM 503 O O   . HOH B 2 .  ? -4.691  -0.599  11.212  1.00 18.02  ? 82  HOH A O   1 
HETATM 504 O O   . HOH B 2 .  ? -1.224  -12.629 -5.330  1.00 23.48  ? 83  HOH A O   1 
HETATM 505 O O   . HOH B 2 .  ? -7.846  -6.265  -2.074  1.00 18.42  ? 84  HOH A O   1 
HETATM 506 O O   . HOH B 2 .  ? -3.957  9.726   6.707   1.00 13.58  ? 85  HOH A O   1 
HETATM 507 O O   . HOH B 2 .  ? 10.668  -5.936  1.592   1.00 19.28  ? 86  HOH A O   1 
HETATM 508 O O   . HOH B 2 .  ? -2.631  -5.704  5.903   1.00 18.57  ? 87  HOH A O   1 
HETATM 509 O O   . HOH B 2 .  ? 0.822   -6.291  7.359   1.00 20.42  ? 88  HOH A O   1 
HETATM 510 O O   . HOH B 2 .  ? 12.292  7.582   -1.025  1.00 20.97  ? 89  HOH A O   1 
HETATM 511 O O   . HOH B 2 .  ? 0.744   -6.451  -12.976 1.00 21.67  ? 90  HOH A O   1 
HETATM 512 O O   . HOH B 2 .  ? -4.287  5.972   11.449  1.00 24.36  ? 91  HOH A O   1 
HETATM 513 O O   . HOH B 2 .  ? -11.820 5.986   -1.931  1.00 17.51  ? 92  HOH A O   1 
HETATM 514 O O   . HOH B 2 .  ? 7.956   8.003   2.471   1.00 20.01  ? 93  HOH A O   1 
HETATM 515 O O   . HOH B 2 .  ? 0.289   -9.094  -13.890 1.00 24.47  ? 94  HOH A O   1 
HETATM 516 O O   . HOH B 2 .  ? 4.561   -4.112  9.952   1.00 23.64  ? 95  HOH A O   1 
HETATM 517 O O   . HOH B 2 .  ? -11.083 -9.758  2.842   1.00 24.39  ? 96  HOH A O   1 
HETATM 518 O O   . HOH B 2 .  ? -10.432 -1.597  3.920   1.00 19.96  ? 97  HOH A O   1 
HETATM 519 O O   . HOH B 2 .  ? 8.268   -8.347  -4.723  1.00 21.46  ? 98  HOH A O   1 
HETATM 520 O O   . HOH B 2 .  ? -7.466  0.407   9.762   1.00 17.29  ? 99  HOH A O   1 
HETATM 521 O O   . HOH B 2 .  ? -11.167 4.159   4.870   1.00 22.73  ? 100 HOH A O   1 
HETATM 522 O O   . HOH B 2 .  ? -7.569  -7.985  -4.409  1.00 25.51  ? 101 HOH A O   1 
HETATM 523 O O   . HOH B 2 .  ? 10.395  9.351   0.044   1.00 18.47  ? 102 HOH A O   1 
HETATM 524 O O   . HOH B 2 .  ? -1.336  -6.434  -10.080 1.00 18.00  ? 103 HOH A O   1 
HETATM 525 O O   . HOH B 2 .  ? -2.842  -8.860  -10.262 1.00 25.28  ? 104 HOH A O   1 
HETATM 526 O O   . HOH B 2 .  ? -10.968 1.028   3.266   1.00 21.77  ? 105 HOH A O   1 
HETATM 527 O O   . HOH B 2 .  ? 7.790   6.076   -6.029  1.00 24.15  ? 106 HOH A O   1 
HETATM 528 O O   . HOH B 2 .  ? 5.780   8.837   7.010   1.00 27.06  ? 107 HOH A O   1 
HETATM 529 O O   . HOH B 2 .  ? 6.130   7.536   4.645   1.00 19.99  ? 108 HOH A O   1 
HETATM 530 O O   . HOH B 2 .  ? -0.595  4.657   9.567   1.00 25.71  ? 109 HOH A O   1 
HETATM 531 O O   . HOH B 2 .  ? -1.896  -5.155  3.355   1.00 20.18  ? 110 HOH A O   1 
HETATM 532 O O   . HOH B 2 .  ? 1.654   -2.399  10.142  1.00 28.25  ? 111 HOH A O   1 
HETATM 533 O O   . HOH B 2 .  ? 11.340  -7.598  5.309   1.00 29.20  ? 112 HOH A O   1 
HETATM 534 O O   . HOH B 2 .  ? 10.197  6.166   -7.205  1.00 27.87  ? 113 HOH A O   1 
HETATM 535 O O   . HOH B 2 .  ? 1.504   4.231   -6.970  1.00 19.80  ? 114 HOH A O   1 
HETATM 536 O O   . HOH B 2 .  ? -10.748 8.109   -0.355  1.00 25.07  ? 115 HOH A O   1 
HETATM 537 O O   . HOH B 2 .  ? -2.165  -8.993  2.878   1.00 26.52  ? 116 HOH A O   1 
HETATM 538 O O   . HOH B 2 .  ? -2.267  4.004   11.594  1.00 23.12  ? 117 HOH A O   1 
HETATM 539 O O   . HOH B 2 .  ? 0.752   -10.025 3.032   1.00 28.82  ? 118 HOH A O   1 
HETATM 540 O O   . HOH B 2 .  ? 10.150  11.294  -2.530  1.00 34.20  ? 119 HOH A O   1 
HETATM 541 O O   . HOH B 2 .  ? 0.380   14.051  -1.575  1.00 21.20  ? 120 HOH A O   1 
HETATM 542 O O   . HOH B 2 .  ? 3.085   -3.588  12.003  1.00 30.05  ? 121 HOH A O   1 
HETATM 543 O O   . HOH B 2 .  ? -7.016  11.022  1.983   1.00 22.29  ? 122 HOH A O   1 
HETATM 544 O O   . HOH B 2 .  ? 6.340   5.661   6.907   1.00 32.12  ? 123 HOH A O   1 
HETATM 545 O O   . HOH B 2 .  ? -3.805  -11.185 3.044   1.00 28.85  ? 124 HOH A O   1 
HETATM 546 O O   . HOH B 2 .  ? 8.204   -8.407  7.868   1.00 29.44  ? 125 HOH A O   1 
HETATM 547 O O   . HOH B 2 .  ? -9.472  2.201   9.863   1.00 42.35  ? 126 HOH A O   1 
HETATM 548 O O   . HOH B 2 .  ? 6.703   -13.263 -4.231  1.00 27.83  ? 127 HOH A O   1 
HETATM 549 O O   . HOH B 2 .  ? -1.516  -8.566  5.417   1.00 27.45  ? 128 HOH A O   1 
HETATM 550 O O   . HOH B 2 .  ? -2.915  1.315   12.030  1.00 33.20  ? 129 HOH A O   1 
HETATM 551 O O   . HOH B 2 .  ? 3.695   -7.628  8.153   1.00 34.11  ? 130 HOH A O   1 
HETATM 552 O O   . HOH B 2 .  ? -7.790  4.020   8.746   1.00 26.73  ? 131 HOH A O   1 
HETATM 553 O O   . HOH B 2 .  ? -10.683 -0.175  11.734  1.00 27.46  ? 132 HOH A O   1 
HETATM 554 O O   . HOH B 2 .  ? -10.806 2.363   -8.512  1.00 34.34  ? 133 HOH A O   1 
HETATM 555 O O   . HOH B 2 .  ? -10.683 -2.598  9.821   1.00 28.47  ? 134 HOH A O   1 
HETATM 556 O O   . HOH B 2 .  ? 3.279   -10.774 1.409   1.00 30.51  ? 135 HOH A O   1 
HETATM 557 O O   . HOH B 2 .  ? -3.294  -1.621  -12.524 1.00 23.00  ? 136 HOH A O   1 
HETATM 558 O O   . HOH B 2 .  ? 1.276   -10.752 5.459   1.00 29.99  ? 137 HOH A O   1 
HETATM 559 O O   . HOH B 2 .  ? -5.344  -7.831  10.401  1.00 39.16  ? 138 HOH A O   1 
HETATM 560 O O   . HOH B 2 .  ? 8.983   10.741  4.771   1.00 31.56  ? 139 HOH A O   1 
HETATM 561 O O   . HOH B 2 .  ? -11.771 -2.497  13.510  1.00 30.65  ? 140 HOH A O   1 
HETATM 562 O O   . HOH B 2 .  ? 10.208  0.380   12.795  1.00 36.27  ? 141 HOH A O   1 
HETATM 563 O O   . HOH B 2 .  ? -10.435 4.028   -10.701 1.00 30.07  ? 142 HOH A O   1 
HETATM 564 O O   . HOH B 2 .  ? -7.712  -8.265  9.136   1.00 34.73  ? 143 HOH A O   1 
HETATM 565 O O   . HOH B 2 .  ? -3.724  1.030   -14.730 1.00 38.98  ? 144 HOH A O   1 
HETATM 566 O O   . HOH B 2 .  ? 4.989   13.023  -0.761  1.00 23.47  ? 145 HOH A O   1 
HETATM 567 O O   . HOH B 2 .  ? 13.892  -4.409  7.942   1.00 37.67  ? 146 HOH A O   1 
HETATM 568 O O   . HOH B 2 .  ? -6.938  -9.682  -2.159  1.00 58.59  ? 147 HOH A O   1 
HETATM 569 O O   . HOH B 2 .  ? -1.574  -5.592  8.286   1.00 24.12  ? 148 HOH A O   1 
HETATM 570 O O   . HOH B 2 .  ? -6.532  -6.492  -8.006  1.00 23.22  ? 151 HOH A O   1 
HETATM 571 O O   . HOH B 2 .  ? -5.854  0.078   -16.927 1.00 37.10  ? 152 HOH A O   1 
HETATM 572 O O   . HOH B 2 .  ? -9.775  -6.588  11.829  1.00 37.65  ? 153 HOH A O   1 
HETATM 573 O O   . HOH B 2 .  ? -1.542  -3.199  -13.579 1.00 29.13  ? 154 HOH A O   1 
HETATM 574 O O   . HOH B 2 .  ? -8.559  -4.656  10.054  1.00 33.54  ? 155 HOH A O   1 
HETATM 575 O O   . HOH B 2 .  ? -1.022  -4.015  10.344  1.00 26.57  ? 156 HOH A O   1 
HETATM 576 O O   . HOH B 2 .  ? -12.077 -0.226  -8.947  1.00 34.30  ? 157 HOH A O   1 
HETATM 577 O O   . HOH B 2 .  ? 0.520   0.102   10.629  1.00 32.68  ? 159 HOH A O   1 
HETATM 578 O O   . HOH B 2 .  ? -2.401  12.964  0.692   1.00 24.49  ? 160 HOH A O   1 
HETATM 579 O O   . HOH B 2 .  ? 5.631   -11.486 0.474   1.00 36.13  ? 162 HOH A O   1 
HETATM 580 O O   . HOH B 2 .  ? -5.182  10.510  -0.443  1.00 33.39  ? 163 HOH A O   1 
HETATM 581 O O   . HOH B 2 .  ? 1.292   2.717   10.391  1.00 36.72  ? 164 HOH A O   1 
HETATM 582 O O   . HOH B 2 .  ? 2.072   -13.411 1.623   1.00 33.06  ? 165 HOH A O   1 
HETATM 583 O O   . HOH B 2 .  ? -9.735  -0.999  -7.767  1.00 123.94 ? 166 HOH A O   1 
HETATM 584 O O   . HOH B 2 .  ? -8.077  8.091   -1.479  1.00 28.87  ? 167 HOH A O   1 
HETATM 585 O O   . HOH B 2 .  ? 8.385   2.271   11.580  1.00 34.34  ? 168 HOH A O   1 
# 
loop_
_pdbx_poly_seq_scheme.asym_id 
_pdbx_poly_seq_scheme.entity_id 
_pdbx_poly_seq_scheme.seq_id 
_pdbx_poly_seq_scheme.mon_id 
_pdbx_poly_seq_scheme.ndb_seq_num 
_pdbx_poly_seq_scheme.pdb_seq_num 
_pdbx_poly_seq_scheme.auth_seq_num 
_pdbx_poly_seq_scheme.pdb_mon_id 
_pdbx_poly_seq_scheme.auth_mon_id 
_pdbx_poly_seq_scheme.pdb_strand_id 
_pdbx_poly_seq_scheme.pdb_ins_code 
_pdbx_poly_seq_scheme.hetero 
A 1 1  MET 1  -3 ?  ?   ?   A . n 
A 1 2  VAL 2  -2 ?  ?   ?   A . n 
A 1 3  GLN 3  -1 ?  ?   ?   A . n 
A 1 4  ILE 4  0  ?  ?   ?   A . n 
A 1 5  SER 5  1  1  SER SER A . n 
A 1 6  THR 6  2  2  THR THR A . n 
A 1 7  LEU 7  3  3  LEU LEU A . n 
A 1 8  PHE 8  4  4  PHE PHE A . n 
A 1 9  GLU 9  5  5  GLU GLU A . n 
A 1 10 ALA 10 6  6  ALA ALA A . n 
A 1 11 LEU 11 7  7  LEU LEU A . n 
A 1 12 TYR 12 8  8  TYR TYR A . n 
A 1 13 ASP 13 9  9  ASP ASP A . n 
A 1 14 TYR 14 10 10 TYR TYR A . n 
A 1 15 GLU 15 11 11 GLU GLU A . n 
A 1 16 ALA 16 12 12 ALA ALA A . n 
A 1 17 ARG 17 13 13 ARG ARG A . n 
A 1 18 THR 18 14 14 THR THR A . n 
A 1 19 GLU 19 15 15 GLU GLU A . n 
A 1 20 ASP 20 16 16 ASP ASP A . n 
A 1 21 ASP 21 17 17 ASP ASP A . n 
A 1 22 LEU 22 18 18 LEU LEU A . n 
A 1 23 SER 23 19 19 SER SER A . n 
A 1 24 PHE 24 20 20 PHE PHE A . n 
A 1 25 HIS 25 21 21 HIS HIS A . n 
A 1 26 LYS 26 22 22 LYS LYS A . n 
A 1 27 GLY 27 23 23 GLY GLY A . n 
A 1 28 GLU 28 24 24 GLU GLU A . n 
A 1 29 LYS 29 25 25 LYS LYS A . n 
A 1 30 PHE 30 26 26 PHE PHE A . n 
A 1 31 GLN 31 27 27 GLN GLN A . n 
A 1 32 ILE 32 28 28 ILE ILE A . n 
A 1 33 LEU 33 29 29 LEU LEU A . n 
A 1 34 ASN 34 30 30 ASN ASN A . n 
A 1 35 SER 35 31 31 SER SER A . n 
A 1 36 SER 36 32 32 SER SER A . n 
A 1 37 GLU 37 33 33 GLU GLU A . n 
A 1 38 GLY 38 34 34 GLY GLY A . n 
A 1 39 ASP 39 35 35 ASP ASP A . n 
A 1 40 TRP 40 36 36 TRP TRP A . n 
A 1 41 TRP 41 37 37 TRP TRP A . n 
A 1 42 GLU 42 38 38 GLU GLU A . n 
A 1 43 ALA 43 39 39 ALA ALA A . n 
A 1 44 ARG 44 40 40 ARG ARG A . n 
A 1 45 SER 45 41 41 SER SER A . n 
A 1 46 LEU 46 42 42 LEU LEU A . n 
A 1 47 THR 47 43 43 THR THR A . n 
A 1 48 THR 48 44 44 THR THR A . n 
A 1 49 GLY 49 45 45 GLY GLY A . n 
A 1 50 GLU 50 46 46 GLU GLU A . n 
A 1 51 THR 51 47 47 THR THR A . n 
A 1 52 GLY 52 48 48 GLY GLY A . n 
A 1 53 TYR 53 49 49 TYR TYR A . n 
A 1 54 ILE 54 50 50 ILE ILE A . n 
A 1 55 PRO 55 51 51 PRO PRO A . n 
A 1 56 SER 56 52 52 SER SER A . n 
A 1 57 ILE 57 53 53 ILE ILE A . n 
A 1 58 TYR 58 54 54 TYR TYR A . n 
A 1 59 LEU 59 55 55 LEU LEU A . n 
A 1 60 ALA 60 56 56 ALA ALA A . n 
A 1 61 PRO 61 57 57 PRO PRO A . n 
A 1 62 VAL 62 58 58 VAL VAL A . n 
A 1 63 ASP 63 59 ?  ?   ?   A . n 
A 1 64 ARG 64 60 ?  ?   ?   A . n 
A 1 65 LEU 65 61 ?  ?   ?   A . n 
A 1 66 ASP 66 62 ?  ?   ?   A . n 
A 1 67 TYR 67 63 ?  ?   ?   A . n 
A 1 68 LYS 68 64 ?  ?   ?   A . n 
A 1 69 ASP 69 65 ?  ?   ?   A . n 
A 1 70 ASP 70 66 ?  ?   ?   A . n 
A 1 71 ASP 71 67 ?  ?   ?   A . n 
A 1 72 ASP 72 68 ?  ?   ?   A . n 
A 1 73 LYS 73 69 ?  ?   ?   A . n 
A 1 74 HIS 74 70 ?  ?   ?   A . n 
A 1 75 HIS 75 71 ?  ?   ?   A . n 
A 1 76 HIS 76 72 ?  ?   ?   A . n 
A 1 77 HIS 77 73 ?  ?   ?   A . n 
A 1 78 HIS 78 74 ?  ?   ?   A . n 
A 1 79 HIS 79 75 ?  ?   ?   A . n 
# 
loop_
_pdbx_nonpoly_scheme.asym_id 
_pdbx_nonpoly_scheme.entity_id 
_pdbx_nonpoly_scheme.mon_id 
_pdbx_nonpoly_scheme.ndb_seq_num 
_pdbx_nonpoly_scheme.pdb_seq_num 
_pdbx_nonpoly_scheme.auth_seq_num 
_pdbx_nonpoly_scheme.pdb_mon_id 
_pdbx_nonpoly_scheme.auth_mon_id 
_pdbx_nonpoly_scheme.pdb_strand_id 
_pdbx_nonpoly_scheme.pdb_ins_code 
B 2 HOH 1  76  76  HOH HOH A . 
B 2 HOH 2  77  77  HOH HOH A . 
B 2 HOH 3  78  78  HOH HOH A . 
B 2 HOH 4  79  79  HOH HOH A . 
B 2 HOH 5  80  80  HOH HOH A . 
B 2 HOH 6  81  81  HOH HOH A . 
B 2 HOH 7  82  82  HOH HOH A . 
B 2 HOH 8  83  83  HOH HOH A . 
B 2 HOH 9  84  84  HOH HOH A . 
B 2 HOH 10 85  85  HOH HOH A . 
B 2 HOH 11 86  86  HOH HOH A . 
B 2 HOH 12 87  87  HOH HOH A . 
B 2 HOH 13 88  88  HOH HOH A . 
B 2 HOH 14 89  89  HOH HOH A . 
B 2 HOH 15 90  90  HOH HOH A . 
B 2 HOH 16 91  91  HOH HOH A . 
B 2 HOH 17 92  92  HOH HOH A . 
B 2 HOH 18 93  93  HOH HOH A . 
B 2 HOH 19 94  94  HOH HOH A . 
B 2 HOH 20 95  95  HOH HOH A . 
B 2 HOH 21 96  96  HOH HOH A . 
B 2 HOH 22 97  97  HOH HOH A . 
B 2 HOH 23 98  98  HOH HOH A . 
B 2 HOH 24 99  99  HOH HOH A . 
B 2 HOH 25 100 100 HOH HOH A . 
B 2 HOH 26 101 101 HOH HOH A . 
B 2 HOH 27 102 102 HOH HOH A . 
B 2 HOH 28 103 103 HOH HOH A . 
B 2 HOH 29 104 104 HOH HOH A . 
B 2 HOH 30 105 105 HOH HOH A . 
B 2 HOH 31 106 106 HOH HOH A . 
B 2 HOH 32 107 107 HOH HOH A . 
B 2 HOH 33 108 108 HOH HOH A . 
B 2 HOH 34 109 109 HOH HOH A . 
B 2 HOH 35 110 110 HOH HOH A . 
B 2 HOH 36 111 111 HOH HOH A . 
B 2 HOH 37 112 112 HOH HOH A . 
B 2 HOH 38 113 113 HOH HOH A . 
B 2 HOH 39 114 114 HOH HOH A . 
B 2 HOH 40 115 115 HOH HOH A . 
B 2 HOH 41 116 116 HOH HOH A . 
B 2 HOH 42 117 117 HOH HOH A . 
B 2 HOH 43 118 118 HOH HOH A . 
B 2 HOH 44 119 119 HOH HOH A . 
B 2 HOH 45 120 120 HOH HOH A . 
B 2 HOH 46 121 121 HOH HOH A . 
B 2 HOH 47 122 122 HOH HOH A . 
B 2 HOH 48 123 123 HOH HOH A . 
B 2 HOH 49 124 124 HOH HOH A . 
B 2 HOH 50 125 125 HOH HOH A . 
B 2 HOH 51 126 126 HOH HOH A . 
B 2 HOH 52 127 127 HOH HOH A . 
B 2 HOH 53 128 128 HOH HOH A . 
B 2 HOH 54 129 129 HOH HOH A . 
B 2 HOH 55 130 130 HOH HOH A . 
B 2 HOH 56 131 131 HOH HOH A . 
B 2 HOH 57 132 132 HOH HOH A . 
B 2 HOH 58 133 133 HOH HOH A . 
B 2 HOH 59 134 134 HOH HOH A . 
B 2 HOH 60 135 135 HOH HOH A . 
B 2 HOH 61 136 136 HOH HOH A . 
B 2 HOH 62 137 137 HOH HOH A . 
B 2 HOH 63 138 138 HOH HOH A . 
B 2 HOH 64 139 139 HOH HOH A . 
B 2 HOH 65 140 140 HOH HOH A . 
B 2 HOH 66 141 141 HOH HOH A . 
B 2 HOH 67 142 142 HOH HOH A . 
B 2 HOH 68 143 143 HOH HOH A . 
B 2 HOH 69 144 144 HOH HOH A . 
B 2 HOH 70 145 145 HOH HOH A . 
B 2 HOH 71 146 146 HOH HOH A . 
B 2 HOH 72 147 147 HOH HOH A . 
B 2 HOH 73 148 148 HOH HOH A . 
B 2 HOH 74 151 151 HOH HOH A . 
B 2 HOH 75 152 152 HOH HOH A . 
B 2 HOH 76 153 153 HOH HOH A . 
B 2 HOH 77 154 154 HOH HOH A . 
B 2 HOH 78 155 155 HOH HOH A . 
B 2 HOH 79 156 156 HOH HOH A . 
B 2 HOH 80 157 157 HOH HOH A . 
B 2 HOH 81 159 159 HOH HOH A . 
B 2 HOH 82 160 160 HOH HOH A . 
B 2 HOH 83 162 162 HOH HOH A . 
B 2 HOH 84 163 163 HOH HOH A . 
B 2 HOH 85 164 164 HOH HOH A . 
B 2 HOH 86 165 165 HOH HOH A . 
B 2 HOH 87 166 166 HOH HOH A . 
B 2 HOH 88 167 167 HOH HOH A . 
B 2 HOH 89 168 168 HOH HOH A . 
# 
_pdbx_struct_assembly.id                   1 
_pdbx_struct_assembly.details              author_defined_assembly 
_pdbx_struct_assembly.method_details       ? 
_pdbx_struct_assembly.oligomeric_details   monomeric 
_pdbx_struct_assembly.oligomeric_count     1 
# 
_pdbx_struct_assembly_gen.assembly_id       1 
_pdbx_struct_assembly_gen.oper_expression   1 
_pdbx_struct_assembly_gen.asym_id_list      A,B 
# 
_pdbx_struct_oper_list.id                   1 
_pdbx_struct_oper_list.type                 'identity operation' 
_pdbx_struct_oper_list.name                 1_555 
_pdbx_struct_oper_list.symmetry_operation   x,y,z 
_pdbx_struct_oper_list.matrix[1][1]         1.0000000000 
_pdbx_struct_oper_list.matrix[1][2]         0.0000000000 
_pdbx_struct_oper_list.matrix[1][3]         0.0000000000 
_pdbx_struct_oper_list.vector[1]            0.0000000000 
_pdbx_struct_oper_list.matrix[2][1]         0.0000000000 
_pdbx_struct_oper_list.matrix[2][2]         1.0000000000 
_pdbx_struct_oper_list.matrix[2][3]         0.0000000000 
_pdbx_struct_oper_list.vector[2]            0.0000000000 
_pdbx_struct_oper_list.matrix[3][1]         0.0000000000 
_pdbx_struct_oper_list.matrix[3][2]         0.0000000000 
_pdbx_struct_oper_list.matrix[3][3]         1.0000000000 
_pdbx_struct_oper_list.vector[3]            0.0000000000 
# 
loop_
_pdbx_audit_revision_history.ordinal 
_pdbx_audit_revision_history.data_content_type 
_pdbx_audit_revision_history.major_revision 
_pdbx_audit_revision_history.minor_revision 
_pdbx_audit_revision_history.revision_date 
1 'Structure model' 1 0 2008-07-01 
2 'Structure model' 1 1 2011-07-13 
3 'Structure model' 1 2 2021-10-20 
4 'Structure model' 1 3 2023-08-30 
# 
_pdbx_audit_revision_details.ordinal             1 
_pdbx_audit_revision_details.revision_ordinal    1 
_pdbx_audit_revision_details.data_content_type   'Structure model' 
_pdbx_audit_revision_details.provider            repository 
_pdbx_audit_revision_details.type                'Initial release' 
_pdbx_audit_revision_details.description         ? 
_pdbx_audit_revision_details.details             ? 
# 
loop_
_pdbx_audit_revision_group.ordinal 
_pdbx_audit_revision_group.revision_ordinal 
_pdbx_audit_revision_group.data_content_type 
_pdbx_audit_revision_group.group 
1 2 'Structure model' 'Version format compliance' 
2 3 'Structure model' 'Database references'       
3 4 'Structure model' 'Data collection'           
4 4 'Structure model' 'Refinement description'    
# 
loop_
_pdbx_audit_revision_category.ordinal 
_pdbx_audit_revision_category.revision_ordinal 
_pdbx_audit_revision_category.data_content_type 
_pdbx_audit_revision_category.category 
1 3 'Structure model' database_2                    
2 3 'Structure model' struct_ref_seq_dif            
3 4 'Structure model' chem_comp_atom                
4 4 'Structure model' chem_comp_bond                
5 4 'Structure model' pdbx_initial_refinement_model 
# 
loop_
_pdbx_audit_revision_item.ordinal 
_pdbx_audit_revision_item.revision_ordinal 
_pdbx_audit_revision_item.data_content_type 
_pdbx_audit_revision_item.item 
1 3 'Structure model' '_database_2.pdbx_DOI'                
2 3 'Structure model' '_database_2.pdbx_database_accession' 
3 3 'Structure model' '_struct_ref_seq_dif.details'         
# 
loop_
_software.name 
_software.classification 
_software.version 
_software.citation_id 
_software.pdbx_ordinal 
REFMAC       refinement        5.3.0036 ? 1 
CrystalClear 'data collection' .        ? 2 
XDS          'data reduction'  .        ? 3 
XDS          'data scaling'    .        ? 4 
COMO         phasing           .        ? 5 
# 
loop_
_pdbx_unobs_or_zero_occ_residues.id 
_pdbx_unobs_or_zero_occ_residues.PDB_model_num 
_pdbx_unobs_or_zero_occ_residues.polymer_flag 
_pdbx_unobs_or_zero_occ_residues.occupancy_flag 
_pdbx_unobs_or_zero_occ_residues.auth_asym_id 
_pdbx_unobs_or_zero_occ_residues.auth_comp_id 
_pdbx_unobs_or_zero_occ_residues.auth_seq_id 
_pdbx_unobs_or_zero_occ_residues.PDB_ins_code 
_pdbx_unobs_or_zero_occ_residues.label_asym_id 
_pdbx_unobs_or_zero_occ_residues.label_comp_id 
_pdbx_unobs_or_zero_occ_residues.label_seq_id 
1  1 Y 1 A MET -3 ? A MET 1  
2  1 Y 1 A VAL -2 ? A VAL 2  
3  1 Y 1 A GLN -1 ? A GLN 3  
4  1 Y 1 A ILE 0  ? A ILE 4  
5  1 Y 1 A ASP 59 ? A ASP 63 
6  1 Y 1 A ARG 60 ? A ARG 64 
7  1 Y 1 A LEU 61 ? A LEU 65 
8  1 Y 1 A ASP 62 ? A ASP 66 
9  1 Y 1 A TYR 63 ? A TYR 67 
10 1 Y 1 A LYS 64 ? A LYS 68 
11 1 Y 1 A ASP 65 ? A ASP 69 
12 1 Y 1 A ASP 66 ? A ASP 70 
13 1 Y 1 A ASP 67 ? A ASP 71 
14 1 Y 1 A ASP 68 ? A ASP 72 
15 1 Y 1 A LYS 69 ? A LYS 73 
16 1 Y 1 A HIS 70 ? A HIS 74 
17 1 Y 1 A HIS 71 ? A HIS 75 
18 1 Y 1 A HIS 72 ? A HIS 76 
19 1 Y 1 A HIS 73 ? A HIS 77 
20 1 Y 1 A HIS 74 ? A HIS 78 
21 1 Y 1 A HIS 75 ? A HIS 79 
# 
loop_
_chem_comp_atom.comp_id 
_chem_comp_atom.atom_id 
_chem_comp_atom.type_symbol 
_chem_comp_atom.pdbx_aromatic_flag 
_chem_comp_atom.pdbx_stereo_config 
_chem_comp_atom.pdbx_ordinal 
ALA N    N N N 1   
ALA CA   C N S 2   
ALA C    C N N 3   
ALA O    O N N 4   
ALA CB   C N N 5   
ALA OXT  O N N 6   
ALA H    H N N 7   
ALA H2   H N N 8   
ALA HA   H N N 9   
ALA HB1  H N N 10  
ALA HB2  H N N 11  
ALA HB3  H N N 12  
ALA HXT  H N N 13  
ARG N    N N N 14  
ARG CA   C N S 15  
ARG C    C N N 16  
ARG O    O N N 17  
ARG CB   C N N 18  
ARG CG   C N N 19  
ARG CD   C N N 20  
ARG NE   N N N 21  
ARG CZ   C N N 22  
ARG NH1  N N N 23  
ARG NH2  N N N 24  
ARG OXT  O N N 25  
ARG H    H N N 26  
ARG H2   H N N 27  
ARG HA   H N N 28  
ARG HB2  H N N 29  
ARG HB3  H N N 30  
ARG HG2  H N N 31  
ARG HG3  H N N 32  
ARG HD2  H N N 33  
ARG HD3  H N N 34  
ARG HE   H N N 35  
ARG HH11 H N N 36  
ARG HH12 H N N 37  
ARG HH21 H N N 38  
ARG HH22 H N N 39  
ARG HXT  H N N 40  
ASN N    N N N 41  
ASN CA   C N S 42  
ASN C    C N N 43  
ASN O    O N N 44  
ASN CB   C N N 45  
ASN CG   C N N 46  
ASN OD1  O N N 47  
ASN ND2  N N N 48  
ASN OXT  O N N 49  
ASN H    H N N 50  
ASN H2   H N N 51  
ASN HA   H N N 52  
ASN HB2  H N N 53  
ASN HB3  H N N 54  
ASN HD21 H N N 55  
ASN HD22 H N N 56  
ASN HXT  H N N 57  
ASP N    N N N 58  
ASP CA   C N S 59  
ASP C    C N N 60  
ASP O    O N N 61  
ASP CB   C N N 62  
ASP CG   C N N 63  
ASP OD1  O N N 64  
ASP OD2  O N N 65  
ASP OXT  O N N 66  
ASP H    H N N 67  
ASP H2   H N N 68  
ASP HA   H N N 69  
ASP HB2  H N N 70  
ASP HB3  H N N 71  
ASP HD2  H N N 72  
ASP HXT  H N N 73  
GLN N    N N N 74  
GLN CA   C N S 75  
GLN C    C N N 76  
GLN O    O N N 77  
GLN CB   C N N 78  
GLN CG   C N N 79  
GLN CD   C N N 80  
GLN OE1  O N N 81  
GLN NE2  N N N 82  
GLN OXT  O N N 83  
GLN H    H N N 84  
GLN H2   H N N 85  
GLN HA   H N N 86  
GLN HB2  H N N 87  
GLN HB3  H N N 88  
GLN HG2  H N N 89  
GLN HG3  H N N 90  
GLN HE21 H N N 91  
GLN HE22 H N N 92  
GLN HXT  H N N 93  
GLU N    N N N 94  
GLU CA   C N S 95  
GLU C    C N N 96  
GLU O    O N N 97  
GLU CB   C N N 98  
GLU CG   C N N 99  
GLU CD   C N N 100 
GLU OE1  O N N 101 
GLU OE2  O N N 102 
GLU OXT  O N N 103 
GLU H    H N N 104 
GLU H2   H N N 105 
GLU HA   H N N 106 
GLU HB2  H N N 107 
GLU HB3  H N N 108 
GLU HG2  H N N 109 
GLU HG3  H N N 110 
GLU HE2  H N N 111 
GLU HXT  H N N 112 
GLY N    N N N 113 
GLY CA   C N N 114 
GLY C    C N N 115 
GLY O    O N N 116 
GLY OXT  O N N 117 
GLY H    H N N 118 
GLY H2   H N N 119 
GLY HA2  H N N 120 
GLY HA3  H N N 121 
GLY HXT  H N N 122 
HIS N    N N N 123 
HIS CA   C N S 124 
HIS C    C N N 125 
HIS O    O N N 126 
HIS CB   C N N 127 
HIS CG   C Y N 128 
HIS ND1  N Y N 129 
HIS CD2  C Y N 130 
HIS CE1  C Y N 131 
HIS NE2  N Y N 132 
HIS OXT  O N N 133 
HIS H    H N N 134 
HIS H2   H N N 135 
HIS HA   H N N 136 
HIS HB2  H N N 137 
HIS HB3  H N N 138 
HIS HD1  H N N 139 
HIS HD2  H N N 140 
HIS HE1  H N N 141 
HIS HE2  H N N 142 
HIS HXT  H N N 143 
HOH O    O N N 144 
HOH H1   H N N 145 
HOH H2   H N N 146 
ILE N    N N N 147 
ILE CA   C N S 148 
ILE C    C N N 149 
ILE O    O N N 150 
ILE CB   C N S 151 
ILE CG1  C N N 152 
ILE CG2  C N N 153 
ILE CD1  C N N 154 
ILE OXT  O N N 155 
ILE H    H N N 156 
ILE H2   H N N 157 
ILE HA   H N N 158 
ILE HB   H N N 159 
ILE HG12 H N N 160 
ILE HG13 H N N 161 
ILE HG21 H N N 162 
ILE HG22 H N N 163 
ILE HG23 H N N 164 
ILE HD11 H N N 165 
ILE HD12 H N N 166 
ILE HD13 H N N 167 
ILE HXT  H N N 168 
LEU N    N N N 169 
LEU CA   C N S 170 
LEU C    C N N 171 
LEU O    O N N 172 
LEU CB   C N N 173 
LEU CG   C N N 174 
LEU CD1  C N N 175 
LEU CD2  C N N 176 
LEU OXT  O N N 177 
LEU H    H N N 178 
LEU H2   H N N 179 
LEU HA   H N N 180 
LEU HB2  H N N 181 
LEU HB3  H N N 182 
LEU HG   H N N 183 
LEU HD11 H N N 184 
LEU HD12 H N N 185 
LEU HD13 H N N 186 
LEU HD21 H N N 187 
LEU HD22 H N N 188 
LEU HD23 H N N 189 
LEU HXT  H N N 190 
LYS N    N N N 191 
LYS CA   C N S 192 
LYS C    C N N 193 
LYS O    O N N 194 
LYS CB   C N N 195 
LYS CG   C N N 196 
LYS CD   C N N 197 
LYS CE   C N N 198 
LYS NZ   N N N 199 
LYS OXT  O N N 200 
LYS H    H N N 201 
LYS H2   H N N 202 
LYS HA   H N N 203 
LYS HB2  H N N 204 
LYS HB3  H N N 205 
LYS HG2  H N N 206 
LYS HG3  H N N 207 
LYS HD2  H N N 208 
LYS HD3  H N N 209 
LYS HE2  H N N 210 
LYS HE3  H N N 211 
LYS HZ1  H N N 212 
LYS HZ2  H N N 213 
LYS HZ3  H N N 214 
LYS HXT  H N N 215 
MET N    N N N 216 
MET CA   C N S 217 
MET C    C N N 218 
MET O    O N N 219 
MET CB   C N N 220 
MET CG   C N N 221 
MET SD   S N N 222 
MET CE   C N N 223 
MET OXT  O N N 224 
MET H    H N N 225 
MET H2   H N N 226 
MET HA   H N N 227 
MET HB2  H N N 228 
MET HB3  H N N 229 
MET HG2  H N N 230 
MET HG3  H N N 231 
MET HE1  H N N 232 
MET HE2  H N N 233 
MET HE3  H N N 234 
MET HXT  H N N 235 
PHE N    N N N 236 
PHE CA   C N S 237 
PHE C    C N N 238 
PHE O    O N N 239 
PHE CB   C N N 240 
PHE CG   C Y N 241 
PHE CD1  C Y N 242 
PHE CD2  C Y N 243 
PHE CE1  C Y N 244 
PHE CE2  C Y N 245 
PHE CZ   C Y N 246 
PHE OXT  O N N 247 
PHE H    H N N 248 
PHE H2   H N N 249 
PHE HA   H N N 250 
PHE HB2  H N N 251 
PHE HB3  H N N 252 
PHE HD1  H N N 253 
PHE HD2  H N N 254 
PHE HE1  H N N 255 
PHE HE2  H N N 256 
PHE HZ   H N N 257 
PHE HXT  H N N 258 
PRO N    N N N 259 
PRO CA   C N S 260 
PRO C    C N N 261 
PRO O    O N N 262 
PRO CB   C N N 263 
PRO CG   C N N 264 
PRO CD   C N N 265 
PRO OXT  O N N 266 
PRO H    H N N 267 
PRO HA   H N N 268 
PRO HB2  H N N 269 
PRO HB3  H N N 270 
PRO HG2  H N N 271 
PRO HG3  H N N 272 
PRO HD2  H N N 273 
PRO HD3  H N N 274 
PRO HXT  H N N 275 
SER N    N N N 276 
SER CA   C N S 277 
SER C    C N N 278 
SER O    O N N 279 
SER CB   C N N 280 
SER OG   O N N 281 
SER OXT  O N N 282 
SER H    H N N 283 
SER H2   H N N 284 
SER HA   H N N 285 
SER HB2  H N N 286 
SER HB3  H N N 287 
SER HG   H N N 288 
SER HXT  H N N 289 
THR N    N N N 290 
THR CA   C N S 291 
THR C    C N N 292 
THR O    O N N 293 
THR CB   C N R 294 
THR OG1  O N N 295 
THR CG2  C N N 296 
THR OXT  O N N 297 
THR H    H N N 298 
THR H2   H N N 299 
THR HA   H N N 300 
THR HB   H N N 301 
THR HG1  H N N 302 
THR HG21 H N N 303 
THR HG22 H N N 304 
THR HG23 H N N 305 
THR HXT  H N N 306 
TRP N    N N N 307 
TRP CA   C N S 308 
TRP C    C N N 309 
TRP O    O N N 310 
TRP CB   C N N 311 
TRP CG   C Y N 312 
TRP CD1  C Y N 313 
TRP CD2  C Y N 314 
TRP NE1  N Y N 315 
TRP CE2  C Y N 316 
TRP CE3  C Y N 317 
TRP CZ2  C Y N 318 
TRP CZ3  C Y N 319 
TRP CH2  C Y N 320 
TRP OXT  O N N 321 
TRP H    H N N 322 
TRP H2   H N N 323 
TRP HA   H N N 324 
TRP HB2  H N N 325 
TRP HB3  H N N 326 
TRP HD1  H N N 327 
TRP HE1  H N N 328 
TRP HE3  H N N 329 
TRP HZ2  H N N 330 
TRP HZ3  H N N 331 
TRP HH2  H N N 332 
TRP HXT  H N N 333 
TYR N    N N N 334 
TYR CA   C N S 335 
TYR C    C N N 336 
TYR O    O N N 337 
TYR CB   C N N 338 
TYR CG   C Y N 339 
TYR CD1  C Y N 340 
TYR CD2  C Y N 341 
TYR CE1  C Y N 342 
TYR CE2  C Y N 343 
TYR CZ   C Y N 344 
TYR OH   O N N 345 
TYR OXT  O N N 346 
TYR H    H N N 347 
TYR H2   H N N 348 
TYR HA   H N N 349 
TYR HB2  H N N 350 
TYR HB3  H N N 351 
TYR HD1  H N N 352 
TYR HD2  H N N 353 
TYR HE1  H N N 354 
TYR HE2  H N N 355 
TYR HH   H N N 356 
TYR HXT  H N N 357 
VAL N    N N N 358 
VAL CA   C N S 359 
VAL C    C N N 360 
VAL O    O N N 361 
VAL CB   C N N 362 
VAL CG1  C N N 363 
VAL CG2  C N N 364 
VAL OXT  O N N 365 
VAL H    H N N 366 
VAL H2   H N N 367 
VAL HA   H N N 368 
VAL HB   H N N 369 
VAL HG11 H N N 370 
VAL HG12 H N N 371 
VAL HG13 H N N 372 
VAL HG21 H N N 373 
VAL HG22 H N N 374 
VAL HG23 H N N 375 
VAL HXT  H N N 376 
# 
loop_
_chem_comp_bond.comp_id 
_chem_comp_bond.atom_id_1 
_chem_comp_bond.atom_id_2 
_chem_comp_bond.value_order 
_chem_comp_bond.pdbx_aromatic_flag 
_chem_comp_bond.pdbx_stereo_config 
_chem_comp_bond.pdbx_ordinal 
ALA N   CA   sing N N 1   
ALA N   H    sing N N 2   
ALA N   H2   sing N N 3   
ALA CA  C    sing N N 4   
ALA CA  CB   sing N N 5   
ALA CA  HA   sing N N 6   
ALA C   O    doub N N 7   
ALA C   OXT  sing N N 8   
ALA CB  HB1  sing N N 9   
ALA CB  HB2  sing N N 10  
ALA CB  HB3  sing N N 11  
ALA OXT HXT  sing N N 12  
ARG N   CA   sing N N 13  
ARG N   H    sing N N 14  
ARG N   H2   sing N N 15  
ARG CA  C    sing N N 16  
ARG CA  CB   sing N N 17  
ARG CA  HA   sing N N 18  
ARG C   O    doub N N 19  
ARG C   OXT  sing N N 20  
ARG CB  CG   sing N N 21  
ARG CB  HB2  sing N N 22  
ARG CB  HB3  sing N N 23  
ARG CG  CD   sing N N 24  
ARG CG  HG2  sing N N 25  
ARG CG  HG3  sing N N 26  
ARG CD  NE   sing N N 27  
ARG CD  HD2  sing N N 28  
ARG CD  HD3  sing N N 29  
ARG NE  CZ   sing N N 30  
ARG NE  HE   sing N N 31  
ARG CZ  NH1  sing N N 32  
ARG CZ  NH2  doub N N 33  
ARG NH1 HH11 sing N N 34  
ARG NH1 HH12 sing N N 35  
ARG NH2 HH21 sing N N 36  
ARG NH2 HH22 sing N N 37  
ARG OXT HXT  sing N N 38  
ASN N   CA   sing N N 39  
ASN N   H    sing N N 40  
ASN N   H2   sing N N 41  
ASN CA  C    sing N N 42  
ASN CA  CB   sing N N 43  
ASN CA  HA   sing N N 44  
ASN C   O    doub N N 45  
ASN C   OXT  sing N N 46  
ASN CB  CG   sing N N 47  
ASN CB  HB2  sing N N 48  
ASN CB  HB3  sing N N 49  
ASN CG  OD1  doub N N 50  
ASN CG  ND2  sing N N 51  
ASN ND2 HD21 sing N N 52  
ASN ND2 HD22 sing N N 53  
ASN OXT HXT  sing N N 54  
ASP N   CA   sing N N 55  
ASP N   H    sing N N 56  
ASP N   H2   sing N N 57  
ASP CA  C    sing N N 58  
ASP CA  CB   sing N N 59  
ASP CA  HA   sing N N 60  
ASP C   O    doub N N 61  
ASP C   OXT  sing N N 62  
ASP CB  CG   sing N N 63  
ASP CB  HB2  sing N N 64  
ASP CB  HB3  sing N N 65  
ASP CG  OD1  doub N N 66  
ASP CG  OD2  sing N N 67  
ASP OD2 HD2  sing N N 68  
ASP OXT HXT  sing N N 69  
GLN N   CA   sing N N 70  
GLN N   H    sing N N 71  
GLN N   H2   sing N N 72  
GLN CA  C    sing N N 73  
GLN CA  CB   sing N N 74  
GLN CA  HA   sing N N 75  
GLN C   O    doub N N 76  
GLN C   OXT  sing N N 77  
GLN CB  CG   sing N N 78  
GLN CB  HB2  sing N N 79  
GLN CB  HB3  sing N N 80  
GLN CG  CD   sing N N 81  
GLN CG  HG2  sing N N 82  
GLN CG  HG3  sing N N 83  
GLN CD  OE1  doub N N 84  
GLN CD  NE2  sing N N 85  
GLN NE2 HE21 sing N N 86  
GLN NE2 HE22 sing N N 87  
GLN OXT HXT  sing N N 88  
GLU N   CA   sing N N 89  
GLU N   H    sing N N 90  
GLU N   H2   sing N N 91  
GLU CA  C    sing N N 92  
GLU CA  CB   sing N N 93  
GLU CA  HA   sing N N 94  
GLU C   O    doub N N 95  
GLU C   OXT  sing N N 96  
GLU CB  CG   sing N N 97  
GLU CB  HB2  sing N N 98  
GLU CB  HB3  sing N N 99  
GLU CG  CD   sing N N 100 
GLU CG  HG2  sing N N 101 
GLU CG  HG3  sing N N 102 
GLU CD  OE1  doub N N 103 
GLU CD  OE2  sing N N 104 
GLU OE2 HE2  sing N N 105 
GLU OXT HXT  sing N N 106 
GLY N   CA   sing N N 107 
GLY N   H    sing N N 108 
GLY N   H2   sing N N 109 
GLY CA  C    sing N N 110 
GLY CA  HA2  sing N N 111 
GLY CA  HA3  sing N N 112 
GLY C   O    doub N N 113 
GLY C   OXT  sing N N 114 
GLY OXT HXT  sing N N 115 
HIS N   CA   sing N N 116 
HIS N   H    sing N N 117 
HIS N   H2   sing N N 118 
HIS CA  C    sing N N 119 
HIS CA  CB   sing N N 120 
HIS CA  HA   sing N N 121 
HIS C   O    doub N N 122 
HIS C   OXT  sing N N 123 
HIS CB  CG   sing N N 124 
HIS CB  HB2  sing N N 125 
HIS CB  HB3  sing N N 126 
HIS CG  ND1  sing Y N 127 
HIS CG  CD2  doub Y N 128 
HIS ND1 CE1  doub Y N 129 
HIS ND1 HD1  sing N N 130 
HIS CD2 NE2  sing Y N 131 
HIS CD2 HD2  sing N N 132 
HIS CE1 NE2  sing Y N 133 
HIS CE1 HE1  sing N N 134 
HIS NE2 HE2  sing N N 135 
HIS OXT HXT  sing N N 136 
HOH O   H1   sing N N 137 
HOH O   H2   sing N N 138 
ILE N   CA   sing N N 139 
ILE N   H    sing N N 140 
ILE N   H2   sing N N 141 
ILE CA  C    sing N N 142 
ILE CA  CB   sing N N 143 
ILE CA  HA   sing N N 144 
ILE C   O    doub N N 145 
ILE C   OXT  sing N N 146 
ILE CB  CG1  sing N N 147 
ILE CB  CG2  sing N N 148 
ILE CB  HB   sing N N 149 
ILE CG1 CD1  sing N N 150 
ILE CG1 HG12 sing N N 151 
ILE CG1 HG13 sing N N 152 
ILE CG2 HG21 sing N N 153 
ILE CG2 HG22 sing N N 154 
ILE CG2 HG23 sing N N 155 
ILE CD1 HD11 sing N N 156 
ILE CD1 HD12 sing N N 157 
ILE CD1 HD13 sing N N 158 
ILE OXT HXT  sing N N 159 
LEU N   CA   sing N N 160 
LEU N   H    sing N N 161 
LEU N   H2   sing N N 162 
LEU CA  C    sing N N 163 
LEU CA  CB   sing N N 164 
LEU CA  HA   sing N N 165 
LEU C   O    doub N N 166 
LEU C   OXT  sing N N 167 
LEU CB  CG   sing N N 168 
LEU CB  HB2  sing N N 169 
LEU CB  HB3  sing N N 170 
LEU CG  CD1  sing N N 171 
LEU CG  CD2  sing N N 172 
LEU CG  HG   sing N N 173 
LEU CD1 HD11 sing N N 174 
LEU CD1 HD12 sing N N 175 
LEU CD1 HD13 sing N N 176 
LEU CD2 HD21 sing N N 177 
LEU CD2 HD22 sing N N 178 
LEU CD2 HD23 sing N N 179 
LEU OXT HXT  sing N N 180 
LYS N   CA   sing N N 181 
LYS N   H    sing N N 182 
LYS N   H2   sing N N 183 
LYS CA  C    sing N N 184 
LYS CA  CB   sing N N 185 
LYS CA  HA   sing N N 186 
LYS C   O    doub N N 187 
LYS C   OXT  sing N N 188 
LYS CB  CG   sing N N 189 
LYS CB  HB2  sing N N 190 
LYS CB  HB3  sing N N 191 
LYS CG  CD   sing N N 192 
LYS CG  HG2  sing N N 193 
LYS CG  HG3  sing N N 194 
LYS CD  CE   sing N N 195 
LYS CD  HD2  sing N N 196 
LYS CD  HD3  sing N N 197 
LYS CE  NZ   sing N N 198 
LYS CE  HE2  sing N N 199 
LYS CE  HE3  sing N N 200 
LYS NZ  HZ1  sing N N 201 
LYS NZ  HZ2  sing N N 202 
LYS NZ  HZ3  sing N N 203 
LYS OXT HXT  sing N N 204 
MET N   CA   sing N N 205 
MET N   H    sing N N 206 
MET N   H2   sing N N 207 
MET CA  C    sing N N 208 
MET CA  CB   sing N N 209 
MET CA  HA   sing N N 210 
MET C   O    doub N N 211 
MET C   OXT  sing N N 212 
MET CB  CG   sing N N 213 
MET CB  HB2  sing N N 214 
MET CB  HB3  sing N N 215 
MET CG  SD   sing N N 216 
MET CG  HG2  sing N N 217 
MET CG  HG3  sing N N 218 
MET SD  CE   sing N N 219 
MET CE  HE1  sing N N 220 
MET CE  HE2  sing N N 221 
MET CE  HE3  sing N N 222 
MET OXT HXT  sing N N 223 
PHE N   CA   sing N N 224 
PHE N   H    sing N N 225 
PHE N   H2   sing N N 226 
PHE CA  C    sing N N 227 
PHE CA  CB   sing N N 228 
PHE CA  HA   sing N N 229 
PHE C   O    doub N N 230 
PHE C   OXT  sing N N 231 
PHE CB  CG   sing N N 232 
PHE CB  HB2  sing N N 233 
PHE CB  HB3  sing N N 234 
PHE CG  CD1  doub Y N 235 
PHE CG  CD2  sing Y N 236 
PHE CD1 CE1  sing Y N 237 
PHE CD1 HD1  sing N N 238 
PHE CD2 CE2  doub Y N 239 
PHE CD2 HD2  sing N N 240 
PHE CE1 CZ   doub Y N 241 
PHE CE1 HE1  sing N N 242 
PHE CE2 CZ   sing Y N 243 
PHE CE2 HE2  sing N N 244 
PHE CZ  HZ   sing N N 245 
PHE OXT HXT  sing N N 246 
PRO N   CA   sing N N 247 
PRO N   CD   sing N N 248 
PRO N   H    sing N N 249 
PRO CA  C    sing N N 250 
PRO CA  CB   sing N N 251 
PRO CA  HA   sing N N 252 
PRO C   O    doub N N 253 
PRO C   OXT  sing N N 254 
PRO CB  CG   sing N N 255 
PRO CB  HB2  sing N N 256 
PRO CB  HB3  sing N N 257 
PRO CG  CD   sing N N 258 
PRO CG  HG2  sing N N 259 
PRO CG  HG3  sing N N 260 
PRO CD  HD2  sing N N 261 
PRO CD  HD3  sing N N 262 
PRO OXT HXT  sing N N 263 
SER N   CA   sing N N 264 
SER N   H    sing N N 265 
SER N   H2   sing N N 266 
SER CA  C    sing N N 267 
SER CA  CB   sing N N 268 
SER CA  HA   sing N N 269 
SER C   O    doub N N 270 
SER C   OXT  sing N N 271 
SER CB  OG   sing N N 272 
SER CB  HB2  sing N N 273 
SER CB  HB3  sing N N 274 
SER OG  HG   sing N N 275 
SER OXT HXT  sing N N 276 
THR N   CA   sing N N 277 
THR N   H    sing N N 278 
THR N   H2   sing N N 279 
THR CA  C    sing N N 280 
THR CA  CB   sing N N 281 
THR CA  HA   sing N N 282 
THR C   O    doub N N 283 
THR C   OXT  sing N N 284 
THR CB  OG1  sing N N 285 
THR CB  CG2  sing N N 286 
THR CB  HB   sing N N 287 
THR OG1 HG1  sing N N 288 
THR CG2 HG21 sing N N 289 
THR CG2 HG22 sing N N 290 
THR CG2 HG23 sing N N 291 
THR OXT HXT  sing N N 292 
TRP N   CA   sing N N 293 
TRP N   H    sing N N 294 
TRP N   H2   sing N N 295 
TRP CA  C    sing N N 296 
TRP CA  CB   sing N N 297 
TRP CA  HA   sing N N 298 
TRP C   O    doub N N 299 
TRP C   OXT  sing N N 300 
TRP CB  CG   sing N N 301 
TRP CB  HB2  sing N N 302 
TRP CB  HB3  sing N N 303 
TRP CG  CD1  doub Y N 304 
TRP CG  CD2  sing Y N 305 
TRP CD1 NE1  sing Y N 306 
TRP CD1 HD1  sing N N 307 
TRP CD2 CE2  doub Y N 308 
TRP CD2 CE3  sing Y N 309 
TRP NE1 CE2  sing Y N 310 
TRP NE1 HE1  sing N N 311 
TRP CE2 CZ2  sing Y N 312 
TRP CE3 CZ3  doub Y N 313 
TRP CE3 HE3  sing N N 314 
TRP CZ2 CH2  doub Y N 315 
TRP CZ2 HZ2  sing N N 316 
TRP CZ3 CH2  sing Y N 317 
TRP CZ3 HZ3  sing N N 318 
TRP CH2 HH2  sing N N 319 
TRP OXT HXT  sing N N 320 
TYR N   CA   sing N N 321 
TYR N   H    sing N N 322 
TYR N   H2   sing N N 323 
TYR CA  C    sing N N 324 
TYR CA  CB   sing N N 325 
TYR CA  HA   sing N N 326 
TYR C   O    doub N N 327 
TYR C   OXT  sing N N 328 
TYR CB  CG   sing N N 329 
TYR CB  HB2  sing N N 330 
TYR CB  HB3  sing N N 331 
TYR CG  CD1  doub Y N 332 
TYR CG  CD2  sing Y N 333 
TYR CD1 CE1  sing Y N 334 
TYR CD1 HD1  sing N N 335 
TYR CD2 CE2  doub Y N 336 
TYR CD2 HD2  sing N N 337 
TYR CE1 CZ   doub Y N 338 
TYR CE1 HE1  sing N N 339 
TYR CE2 CZ   sing Y N 340 
TYR CE2 HE2  sing N N 341 
TYR CZ  OH   sing N N 342 
TYR OH  HH   sing N N 343 
TYR OXT HXT  sing N N 344 
VAL N   CA   sing N N 345 
VAL N   H    sing N N 346 
VAL N   H2   sing N N 347 
VAL CA  C    sing N N 348 
VAL CA  CB   sing N N 349 
VAL CA  HA   sing N N 350 
VAL C   O    doub N N 351 
VAL C   OXT  sing N N 352 
VAL CB  CG1  sing N N 353 
VAL CB  CG2  sing N N 354 
VAL CB  HB   sing N N 355 
VAL CG1 HG11 sing N N 356 
VAL CG1 HG12 sing N N 357 
VAL CG1 HG13 sing N N 358 
VAL CG2 HG21 sing N N 359 
VAL CG2 HG22 sing N N 360 
VAL CG2 HG23 sing N N 361 
VAL OXT HXT  sing N N 362 
# 
_pdbx_entity_nonpoly.entity_id   2 
_pdbx_entity_nonpoly.name        water 
_pdbx_entity_nonpoly.comp_id     HOH 
# 
_pdbx_initial_refinement_model.id               1 
_pdbx_initial_refinement_model.entity_id_list   ? 
_pdbx_initial_refinement_model.type             'experimental model' 
_pdbx_initial_refinement_model.source_name      PDB 
_pdbx_initial_refinement_model.accession_code   1FYN 
_pdbx_initial_refinement_model.details          'PDB entry 1fyn' 
# 
